data_8OWG
#
_entry.id   8OWG
#
_cell.length_a   254.815
_cell.length_b   46.198
_cell.length_c   81.064
_cell.angle_alpha   90
_cell.angle_beta   90
_cell.angle_gamma   90
#
_symmetry.space_group_name_H-M   'P 21 21 2'
#
loop_
_entity.id
_entity.type
_entity.pdbx_description
1 polymer 'Hepatocyte growth factor receptor'
2 non-polymer 5-[3,5-bis(fluoranyl)phenyl]-1-[(1S)-1-phenylethyl]pyrimidine-2,4-dione
3 water water
#
_entity_poly.entity_id   1
_entity_poly.type   'polypeptide(L)'
_entity_poly.pdbx_seq_one_letter_code
;GDSDISSPLLQNTVHIDLSALNPELVQAVQHVVIGPSSLIVHFNEVIGRGHFGCVYHGTLLDNDGKKIHCAVKSLNRITD
IGEVSQFLTEGIIMKDFSHPNVLSLLGICLRSEGSPLVVLPYMKHGDLRNFIRNETHNPTVKDLIGFGLQVAKGMKYLAS
KKFVHRDLAARNCMLDEKFTVKVADFGLARVMYDKEYYSVHNKTGAKLPVKWMALESLQTQKFTTKSDVWSFGVLLWELM
TRGAPPYPDVNTFDITVYLLQGRRLLQPEYCPDPLYEVMLKCWHPKAEMRPSFSELVSRISAIFSTFIG
;
_entity_poly.pdbx_strand_id   A,B,C
#
loop_
_chem_comp.id
_chem_comp.type
_chem_comp.name
_chem_comp.formula
W40 non-polymer 5-[3,5-bis(fluoranyl)phenyl]-1-[(1S)-1-phenylethyl]pyrimidine-2,4-dione 'C18 H14 F2 N2 O2'
#
# COMPACT_ATOMS: atom_id res chain seq x y z
N PRO A 23 36.04 21.84 3.59
CA PRO A 23 37.50 22.08 3.55
C PRO A 23 37.94 22.64 2.17
N GLU A 24 38.29 21.78 1.19
CA GLU A 24 38.64 22.27 -0.15
C GLU A 24 37.36 22.54 -0.97
N LEU A 25 36.25 21.84 -0.66
CA LEU A 25 34.93 22.06 -1.28
C LEU A 25 34.46 23.48 -0.90
N VAL A 26 34.66 23.87 0.38
CA VAL A 26 34.34 25.19 0.97
C VAL A 26 35.03 26.32 0.20
N GLN A 27 36.27 26.10 -0.24
CA GLN A 27 37.00 27.10 -1.00
C GLN A 27 36.58 27.10 -2.46
N ALA A 28 36.33 25.91 -3.04
CA ALA A 28 35.91 25.77 -4.42
C ALA A 28 34.53 26.36 -4.71
N VAL A 29 33.67 26.53 -3.69
CA VAL A 29 32.35 27.13 -3.89
C VAL A 29 32.32 28.64 -3.67
N GLN A 30 33.46 29.28 -3.41
CA GLN A 30 33.47 30.73 -3.15
C GLN A 30 33.03 31.54 -4.35
N HIS A 31 33.41 31.11 -5.57
CA HIS A 31 33.01 31.85 -6.77
C HIS A 31 31.52 31.72 -7.11
N VAL A 32 30.81 30.75 -6.50
CA VAL A 32 29.37 30.60 -6.71
C VAL A 32 28.58 31.23 -5.52
N VAL A 33 29.20 31.41 -4.34
CA VAL A 33 28.51 32.02 -3.20
C VAL A 33 28.27 33.54 -3.37
N ILE A 34 27.01 33.95 -3.15
CA ILE A 34 26.51 35.32 -3.20
C ILE A 34 26.41 35.86 -1.77
N GLY A 35 26.95 37.05 -1.54
CA GLY A 35 26.88 37.67 -0.23
C GLY A 35 25.50 38.24 0.06
N PRO A 36 25.04 38.20 1.32
CA PRO A 36 23.70 38.75 1.63
C PRO A 36 23.53 40.24 1.34
N SER A 37 24.64 40.99 1.29
CA SER A 37 24.60 42.39 0.92
C SER A 37 24.50 42.58 -0.63
N SER A 38 24.14 41.51 -1.39
CA SER A 38 24.00 41.54 -2.85
C SER A 38 22.71 40.85 -3.35
N LEU A 39 21.97 40.16 -2.46
CA LEU A 39 20.72 39.51 -2.84
C LEU A 39 19.58 40.02 -1.97
N ILE A 40 18.45 40.37 -2.60
CA ILE A 40 17.25 40.83 -1.90
C ILE A 40 16.12 39.90 -2.32
N VAL A 41 15.74 38.95 -1.46
CA VAL A 41 14.62 38.05 -1.75
C VAL A 41 13.32 38.78 -1.42
N HIS A 42 12.31 38.67 -2.29
CA HIS A 42 11.03 39.33 -2.05
C HIS A 42 9.98 38.33 -1.59
N GLY A 53 11.24 23.54 -1.52
CA GLY A 53 10.56 24.77 -1.14
C GLY A 53 9.81 25.42 -2.28
N CYS A 54 9.96 26.75 -2.45
CA CYS A 54 9.28 27.45 -3.55
C CYS A 54 10.13 28.59 -4.16
N VAL A 55 9.66 29.19 -5.27
CA VAL A 55 10.39 30.24 -5.98
C VAL A 55 9.85 31.64 -5.68
N TYR A 56 10.74 32.55 -5.32
CA TYR A 56 10.39 33.94 -5.00
C TYR A 56 11.14 34.91 -5.94
N HIS A 57 10.58 36.11 -6.19
CA HIS A 57 11.24 37.13 -7.01
C HIS A 57 12.37 37.75 -6.20
N GLY A 58 13.48 38.10 -6.84
CA GLY A 58 14.62 38.67 -6.13
C GLY A 58 15.55 39.51 -6.98
N THR A 59 16.39 40.32 -6.33
CA THR A 59 17.33 41.17 -7.05
C THR A 59 18.76 40.76 -6.69
N LEU A 60 19.64 40.77 -7.69
CA LEU A 60 21.02 40.38 -7.50
C LEU A 60 21.98 41.44 -8.00
N LEU A 61 23.13 41.57 -7.32
CA LEU A 61 24.18 42.51 -7.71
C LEU A 61 25.48 41.76 -8.00
N ASP A 62 26.32 42.31 -8.88
CA ASP A 62 27.58 41.68 -9.28
C ASP A 62 28.70 42.69 -9.53
N ILE A 68 19.94 43.45 -10.96
CA ILE A 68 19.49 42.50 -11.98
C ILE A 68 18.36 41.59 -11.38
N HIS A 69 17.32 41.24 -12.19
CA HIS A 69 16.18 40.44 -11.74
C HIS A 69 16.42 38.93 -11.79
N CYS A 70 16.14 38.24 -10.68
CA CYS A 70 16.36 36.80 -10.55
C CYS A 70 15.22 36.04 -9.83
N ALA A 71 15.23 34.71 -9.90
CA ALA A 71 14.30 33.80 -9.23
C ALA A 71 15.12 33.09 -8.14
N VAL A 72 14.61 33.08 -6.91
CA VAL A 72 15.34 32.51 -5.78
C VAL A 72 14.56 31.35 -5.21
N LYS A 73 15.05 30.12 -5.38
CA LYS A 73 14.38 28.95 -4.82
C LYS A 73 14.91 28.66 -3.43
N SER A 74 14.01 28.48 -2.46
CA SER A 74 14.43 28.18 -1.09
C SER A 74 14.48 26.66 -0.90
N LEU A 75 15.55 26.15 -0.27
CA LEU A 75 15.66 24.71 -0.05
C LEU A 75 15.29 24.36 1.38
N ASN A 76 14.05 23.91 1.59
CA ASN A 76 13.59 23.53 2.92
C ASN A 76 14.18 22.18 3.34
N GLY A 82 26.69 16.56 4.78
CA GLY A 82 26.02 15.39 4.25
C GLY A 82 25.37 15.64 2.90
N GLU A 83 24.12 16.13 2.91
CA GLU A 83 23.39 16.49 1.69
C GLU A 83 23.81 17.89 1.17
N VAL A 84 24.23 18.79 2.09
CA VAL A 84 24.73 20.14 1.78
C VAL A 84 26.02 20.04 0.93
N SER A 85 26.84 19.00 1.17
CA SER A 85 28.06 18.71 0.43
C SER A 85 27.75 18.44 -1.05
N GLN A 86 26.68 17.67 -1.32
CA GLN A 86 26.30 17.35 -2.71
C GLN A 86 25.70 18.59 -3.41
N PHE A 87 25.02 19.44 -2.65
CA PHE A 87 24.44 20.69 -3.15
C PHE A 87 25.58 21.64 -3.56
N LEU A 88 26.66 21.70 -2.77
CA LEU A 88 27.78 22.59 -3.06
C LEU A 88 28.55 22.16 -4.29
N THR A 89 28.74 20.83 -4.51
CA THR A 89 29.41 20.35 -5.73
C THR A 89 28.56 20.67 -6.95
N GLU A 90 27.22 20.61 -6.83
CA GLU A 90 26.33 20.95 -7.92
C GLU A 90 26.53 22.40 -8.36
N GLY A 91 26.72 23.29 -7.40
CA GLY A 91 27.00 24.70 -7.63
C GLY A 91 28.24 24.90 -8.49
N ILE A 92 29.34 24.17 -8.16
CA ILE A 92 30.62 24.21 -8.88
C ILE A 92 30.40 23.82 -10.35
N ILE A 93 29.61 22.77 -10.57
CA ILE A 93 29.30 22.26 -11.89
C ILE A 93 28.42 23.25 -12.70
N MET A 94 27.24 23.60 -12.18
CA MET A 94 26.28 24.46 -12.85
C MET A 94 26.70 25.92 -12.99
N LYS A 95 27.71 26.38 -12.23
CA LYS A 95 28.20 27.75 -12.39
C LYS A 95 29.05 27.85 -13.70
N ASP A 96 29.66 26.73 -14.15
CA ASP A 96 30.45 26.63 -15.36
C ASP A 96 29.60 26.79 -16.64
N PHE A 97 28.30 26.47 -16.56
CA PHE A 97 27.33 26.51 -17.66
C PHE A 97 27.25 27.83 -18.41
N SER A 98 27.38 27.76 -19.74
CA SER A 98 27.24 28.94 -20.61
C SER A 98 26.76 28.53 -22.00
N HIS A 99 25.45 28.34 -22.13
CA HIS A 99 24.80 27.94 -23.37
C HIS A 99 23.46 28.65 -23.46
N PRO A 100 23.07 29.12 -24.65
CA PRO A 100 21.79 29.83 -24.78
C PRO A 100 20.56 29.00 -24.45
N ASN A 101 20.68 27.66 -24.43
CA ASN A 101 19.53 26.81 -24.15
C ASN A 101 19.61 26.10 -22.80
N VAL A 102 20.34 26.66 -21.86
CA VAL A 102 20.54 26.09 -20.54
C VAL A 102 20.36 27.24 -19.58
N LEU A 103 19.53 27.05 -18.55
CA LEU A 103 19.31 28.08 -17.57
C LEU A 103 20.57 28.21 -16.72
N SER A 104 21.15 29.42 -16.67
CA SER A 104 22.40 29.67 -15.94
C SER A 104 22.21 29.72 -14.44
N LEU A 105 23.27 29.40 -13.69
CA LEU A 105 23.24 29.49 -12.24
C LEU A 105 23.96 30.79 -11.84
N LEU A 106 23.19 31.82 -11.46
CA LEU A 106 23.78 33.10 -11.06
C LEU A 106 24.61 32.97 -9.75
N GLY A 107 24.14 32.12 -8.83
CA GLY A 107 24.86 31.90 -7.59
C GLY A 107 24.07 31.20 -6.50
N ILE A 108 24.72 30.93 -5.35
CA ILE A 108 24.12 30.21 -4.23
C ILE A 108 24.27 30.95 -2.89
N CYS A 109 23.33 30.70 -1.94
CA CYS A 109 23.32 31.33 -0.60
C CYS A 109 23.39 30.33 0.54
N LEU A 110 24.02 30.74 1.64
CA LEU A 110 24.20 29.88 2.81
C LEU A 110 23.10 30.13 3.86
N SER A 115 18.20 27.74 5.72
CA SER A 115 17.91 27.12 4.43
C SER A 115 18.77 27.72 3.30
N PRO A 116 19.42 26.87 2.49
CA PRO A 116 20.24 27.40 1.39
C PRO A 116 19.40 27.88 0.20
N LEU A 117 19.87 28.91 -0.50
CA LEU A 117 19.12 29.45 -1.63
C LEU A 117 19.83 29.24 -2.95
N VAL A 118 19.06 29.07 -4.01
CA VAL A 118 19.57 28.94 -5.38
C VAL A 118 19.10 30.18 -6.16
N VAL A 119 20.02 30.90 -6.80
CA VAL A 119 19.68 32.11 -7.54
C VAL A 119 19.83 31.87 -9.04
N LEU A 120 18.70 31.89 -9.75
CA LEU A 120 18.59 31.63 -11.18
C LEU A 120 18.07 32.86 -11.91
N PRO A 121 18.31 32.99 -13.24
CA PRO A 121 17.78 34.15 -13.96
C PRO A 121 16.26 34.02 -14.10
N TYR A 122 15.55 35.15 -14.03
CA TYR A 122 14.09 35.14 -14.13
C TYR A 122 13.58 34.78 -15.53
N MET A 123 12.65 33.83 -15.60
CA MET A 123 12.07 33.39 -16.87
C MET A 123 10.61 33.83 -16.95
N LYS A 124 10.36 34.90 -17.70
CA LYS A 124 9.07 35.55 -17.92
C LYS A 124 7.90 34.62 -18.33
N HIS A 125 8.10 33.70 -19.30
CA HIS A 125 6.99 32.84 -19.76
C HIS A 125 6.91 31.46 -19.08
N GLY A 126 7.66 31.28 -18.00
CA GLY A 126 7.64 30.07 -17.20
C GLY A 126 8.03 28.80 -17.91
N ASP A 127 7.51 27.67 -17.43
CA ASP A 127 7.84 26.37 -18.01
C ASP A 127 7.15 26.11 -19.34
N LEU A 128 7.82 25.31 -20.17
CA LEU A 128 7.45 24.93 -21.52
C LEU A 128 6.15 24.15 -21.59
N ARG A 129 5.95 23.19 -20.66
CA ARG A 129 4.72 22.41 -20.64
C ARG A 129 3.50 23.30 -20.38
N ASN A 130 3.56 24.20 -19.39
CA ASN A 130 2.42 25.07 -19.10
C ASN A 130 2.18 26.10 -20.20
N PHE A 131 3.24 26.49 -20.93
CA PHE A 131 3.19 27.44 -22.03
C PHE A 131 2.44 26.84 -23.22
N ILE A 132 2.72 25.57 -23.55
CA ILE A 132 2.06 24.92 -24.69
C ILE A 132 0.58 24.50 -24.39
N ARG A 133 0.16 24.61 -23.11
CA ARG A 133 -1.20 24.37 -22.64
C ARG A 133 -1.97 25.68 -22.36
N ASN A 134 -1.26 26.84 -22.33
CA ASN A 134 -1.84 28.15 -22.09
C ASN A 134 -2.66 28.66 -23.31
N GLU A 135 -3.75 29.40 -23.04
CA GLU A 135 -4.65 29.94 -24.06
C GLU A 135 -4.06 31.11 -24.84
N THR A 136 -3.29 31.95 -24.16
CA THR A 136 -2.74 33.16 -24.73
C THR A 136 -1.62 32.89 -25.75
N HIS A 137 -1.01 31.71 -25.70
CA HIS A 137 0.08 31.38 -26.61
C HIS A 137 -0.37 30.35 -27.62
N ASN A 138 -0.17 30.64 -28.91
CA ASN A 138 -0.57 29.74 -29.98
C ASN A 138 0.63 29.37 -30.88
N PRO A 139 1.73 28.76 -30.35
CA PRO A 139 2.88 28.46 -31.23
C PRO A 139 2.58 27.46 -32.33
N THR A 140 3.00 27.74 -33.57
CA THR A 140 2.76 26.84 -34.69
C THR A 140 3.48 25.47 -34.51
N VAL A 141 3.19 24.49 -35.37
CA VAL A 141 3.86 23.19 -35.32
C VAL A 141 5.37 23.35 -35.60
N LYS A 142 5.76 24.31 -36.47
CA LYS A 142 7.18 24.60 -36.72
C LYS A 142 7.81 25.22 -35.46
N ASP A 143 7.08 26.11 -34.77
CA ASP A 143 7.59 26.71 -33.52
C ASP A 143 7.80 25.62 -32.47
N LEU A 144 6.93 24.59 -32.41
CA LEU A 144 7.08 23.50 -31.43
C LEU A 144 8.29 22.66 -31.75
N ILE A 145 8.54 22.40 -33.04
CA ILE A 145 9.73 21.67 -33.49
C ILE A 145 10.98 22.45 -33.10
N GLY A 146 10.94 23.78 -33.30
CA GLY A 146 12.03 24.68 -32.91
C GLY A 146 12.31 24.61 -31.43
N PHE A 147 11.26 24.56 -30.57
CA PHE A 147 11.44 24.45 -29.10
C PHE A 147 12.20 23.18 -28.78
N GLY A 148 11.81 22.09 -29.42
CA GLY A 148 12.44 20.77 -29.25
C GLY A 148 13.89 20.77 -29.64
N LEU A 149 14.24 21.49 -30.71
CA LEU A 149 15.61 21.61 -31.17
C LEU A 149 16.45 22.37 -30.16
N GLN A 150 15.89 23.43 -29.55
CA GLN A 150 16.59 24.18 -28.50
C GLN A 150 16.84 23.29 -27.30
N VAL A 151 15.88 22.43 -26.93
CA VAL A 151 16.08 21.47 -25.84
C VAL A 151 17.23 20.52 -26.20
N ALA A 152 17.24 20.03 -27.45
CA ALA A 152 18.30 19.13 -27.91
C ALA A 152 19.70 19.77 -27.90
N LYS A 153 19.82 21.08 -28.21
CA LYS A 153 21.14 21.74 -28.23
C LYS A 153 21.65 21.99 -26.81
N GLY A 154 20.76 22.36 -25.91
CA GLY A 154 21.12 22.56 -24.51
C GLY A 154 21.51 21.24 -23.87
N MET A 155 20.84 20.15 -24.26
CA MET A 155 21.15 18.81 -23.78
C MET A 155 22.47 18.30 -24.38
N LYS A 156 22.74 18.66 -25.64
CA LYS A 156 24.00 18.35 -26.32
C LYS A 156 25.16 19.02 -25.53
N TYR A 157 24.94 20.26 -25.06
CA TYR A 157 25.90 21.00 -24.25
C TYR A 157 26.09 20.30 -22.91
N LEU A 158 24.98 19.95 -22.20
CA LEU A 158 25.05 19.25 -20.92
C LEU A 158 25.80 17.94 -21.05
N ALA A 159 25.53 17.19 -22.11
CA ALA A 159 26.19 15.93 -22.38
C ALA A 159 27.67 16.11 -22.71
N SER A 160 28.05 17.17 -23.46
CA SER A 160 29.46 17.46 -23.75
C SER A 160 30.28 17.68 -22.46
N LYS A 161 29.61 18.09 -21.37
CA LYS A 161 30.22 18.33 -20.08
C LYS A 161 30.00 17.20 -19.08
N LYS A 162 29.50 16.02 -19.55
CA LYS A 162 29.24 14.84 -18.71
C LYS A 162 28.15 15.06 -17.66
N PHE A 163 27.14 15.88 -17.99
CA PHE A 163 26.07 16.17 -17.04
C PHE A 163 24.82 15.35 -17.34
N VAL A 164 24.54 14.37 -16.46
CA VAL A 164 23.35 13.55 -16.59
C VAL A 164 22.22 14.27 -15.87
N HIS A 165 21.28 14.85 -16.63
CA HIS A 165 20.14 15.61 -16.13
C HIS A 165 19.30 14.81 -15.11
N ARG A 166 18.75 13.64 -15.52
CA ARG A 166 17.95 12.73 -14.69
C ARG A 166 16.46 13.05 -14.65
N ASP A 167 16.06 14.26 -15.03
CA ASP A 167 14.64 14.63 -15.01
C ASP A 167 14.33 15.60 -16.16
N LEU A 168 14.52 15.14 -17.39
CA LEU A 168 14.23 15.95 -18.56
C LEU A 168 12.77 15.75 -18.90
N ALA A 169 12.01 16.83 -18.88
CA ALA A 169 10.58 16.86 -19.15
C ALA A 169 10.22 18.30 -19.46
N ALA A 170 9.18 18.52 -20.27
CA ALA A 170 8.76 19.89 -20.62
C ALA A 170 8.45 20.75 -19.39
N ARG A 171 8.01 20.13 -18.28
CA ARG A 171 7.74 20.89 -17.04
C ARG A 171 9.00 21.53 -16.45
N ASN A 172 10.18 21.06 -16.85
CA ASN A 172 11.48 21.53 -16.37
C ASN A 172 12.22 22.45 -17.33
N CYS A 173 11.64 22.79 -18.49
CA CYS A 173 12.30 23.69 -19.44
C CYS A 173 11.64 25.05 -19.38
N MET A 174 12.39 26.12 -19.13
CA MET A 174 11.83 27.46 -19.02
C MET A 174 11.91 28.24 -20.35
N LEU A 175 11.12 29.32 -20.46
CA LEU A 175 11.10 30.22 -21.63
C LEU A 175 11.37 31.64 -21.12
N ASP A 176 12.26 32.38 -21.80
CA ASP A 176 12.57 33.76 -21.41
C ASP A 176 11.66 34.79 -22.17
N GLU A 177 12.02 36.09 -22.18
CA GLU A 177 11.24 37.10 -22.87
C GLU A 177 11.31 36.99 -24.40
N LYS A 178 12.36 36.35 -24.93
CA LYS A 178 12.52 36.18 -26.37
C LYS A 178 12.08 34.77 -26.84
N PHE A 179 11.35 34.01 -25.99
CA PHE A 179 10.86 32.64 -26.20
C PHE A 179 11.98 31.64 -26.43
N THR A 180 13.16 31.89 -25.86
CA THR A 180 14.28 30.97 -25.96
C THR A 180 14.06 29.89 -24.89
N VAL A 181 14.12 28.64 -25.29
CA VAL A 181 13.90 27.51 -24.40
C VAL A 181 15.19 27.19 -23.64
N LYS A 182 15.14 27.18 -22.32
CA LYS A 182 16.30 26.91 -21.49
C LYS A 182 16.07 25.71 -20.61
N VAL A 183 16.90 24.67 -20.77
CA VAL A 183 16.84 23.43 -19.99
C VAL A 183 17.13 23.78 -18.52
N ALA A 184 16.31 23.29 -17.60
CA ALA A 184 16.45 23.58 -16.16
C ALA A 184 15.88 22.41 -15.30
N ASP A 185 15.98 22.48 -13.95
CA ASP A 185 15.45 21.46 -13.07
C ASP A 185 14.62 22.20 -12.02
N PHE A 186 13.29 22.04 -12.03
CA PHE A 186 12.44 22.72 -11.04
C PHE A 186 12.00 21.77 -9.94
N GLY A 187 12.98 21.26 -9.20
CA GLY A 187 12.79 20.31 -8.11
C GLY A 187 13.80 19.21 -8.21
N LEU A 188 14.88 19.29 -7.37
CA LEU A 188 16.02 18.36 -7.23
C LEU A 188 15.85 16.95 -7.80
N ALA A 189 16.84 16.49 -8.59
CA ALA A 189 16.83 15.16 -9.22
C ALA A 189 18.14 14.43 -8.97
N ARG A 190 19.26 15.17 -8.97
CA ARG A 190 20.56 14.57 -8.75
C ARG A 190 21.04 14.74 -7.30
N VAL A 191 20.15 15.09 -6.34
CA VAL A 191 20.56 15.25 -4.94
C VAL A 191 19.77 14.29 -4.02
N PRO A 209 8.99 10.17 -11.54
CA PRO A 209 8.88 10.62 -12.95
C PRO A 209 9.00 9.44 -13.90
N VAL A 210 8.40 8.31 -13.53
CA VAL A 210 8.45 7.02 -14.20
C VAL A 210 7.96 7.04 -15.66
N LYS A 211 6.92 7.83 -16.00
CA LYS A 211 6.45 7.89 -17.38
C LYS A 211 7.43 8.57 -18.36
N TRP A 212 8.58 9.03 -17.87
CA TRP A 212 9.63 9.68 -18.65
C TRP A 212 10.98 8.89 -18.56
N MET A 213 11.08 7.94 -17.62
CA MET A 213 12.30 7.21 -17.39
C MET A 213 12.55 6.13 -18.40
N ALA A 214 13.83 5.89 -18.71
CA ALA A 214 14.22 4.84 -19.63
C ALA A 214 13.90 3.46 -19.05
N LEU A 215 13.89 2.40 -19.89
CA LEU A 215 13.64 1.05 -19.41
C LEU A 215 14.71 0.62 -18.39
N GLU A 216 15.99 0.86 -18.67
CA GLU A 216 17.05 0.48 -17.74
C GLU A 216 16.98 1.26 -16.43
N SER A 217 16.49 2.51 -16.45
CA SER A 217 16.36 3.29 -15.23
C SER A 217 15.24 2.75 -14.38
N LEU A 218 14.16 2.28 -15.00
CA LEU A 218 13.04 1.72 -14.26
C LEU A 218 13.45 0.43 -13.55
N GLN A 219 14.16 -0.46 -14.25
CA GLN A 219 14.59 -1.75 -13.71
C GLN A 219 15.83 -1.71 -12.78
N THR A 220 16.89 -0.99 -13.18
CA THR A 220 18.15 -0.94 -12.44
C THR A 220 18.40 0.31 -11.61
N GLN A 221 17.61 1.36 -11.82
CA GLN A 221 17.76 2.68 -11.16
C GLN A 221 19.02 3.43 -11.64
N LYS A 222 19.64 3.01 -12.76
CA LYS A 222 20.81 3.68 -13.32
C LYS A 222 20.39 4.78 -14.32
N PHE A 223 20.99 5.97 -14.19
CA PHE A 223 20.72 7.11 -15.05
C PHE A 223 21.99 7.54 -15.80
N THR A 224 21.93 7.55 -17.14
CA THR A 224 23.01 7.89 -18.07
C THR A 224 22.53 8.93 -19.12
N THR A 225 23.42 9.40 -20.01
CA THR A 225 23.01 10.32 -21.07
C THR A 225 22.03 9.63 -22.05
N LYS A 226 22.18 8.32 -22.27
CA LYS A 226 21.27 7.59 -23.14
C LYS A 226 19.86 7.42 -22.52
N SER A 227 19.78 7.40 -21.18
CA SER A 227 18.50 7.37 -20.48
C SER A 227 17.84 8.78 -20.52
N ASP A 228 18.66 9.86 -20.59
CA ASP A 228 18.18 11.23 -20.76
C ASP A 228 17.62 11.40 -22.18
N VAL A 229 18.22 10.72 -23.18
CA VAL A 229 17.74 10.70 -24.56
C VAL A 229 16.32 10.12 -24.60
N TRP A 230 16.06 9.07 -23.79
CA TRP A 230 14.73 8.48 -23.66
C TRP A 230 13.75 9.54 -23.12
N SER A 231 14.11 10.27 -22.07
CA SER A 231 13.28 11.34 -21.51
C SER A 231 12.99 12.44 -22.54
N PHE A 232 13.99 12.76 -23.39
CA PHE A 232 13.85 13.75 -24.45
C PHE A 232 12.83 13.28 -25.52
N GLY A 233 12.77 11.98 -25.79
CA GLY A 233 11.80 11.44 -26.73
C GLY A 233 10.38 11.68 -26.24
N VAL A 234 10.17 11.53 -24.92
CA VAL A 234 8.89 11.78 -24.25
C VAL A 234 8.61 13.32 -24.27
N LEU A 235 9.66 14.14 -24.11
CA LEU A 235 9.57 15.59 -24.14
C LEU A 235 9.12 16.07 -25.52
N LEU A 236 9.62 15.42 -26.59
CA LEU A 236 9.19 15.72 -27.95
C LEU A 236 7.72 15.37 -28.14
N TRP A 237 7.25 14.29 -27.50
CA TRP A 237 5.86 13.87 -27.60
C TRP A 237 4.99 14.93 -26.93
N GLU A 238 5.38 15.40 -25.73
CA GLU A 238 4.68 16.45 -24.98
C GLU A 238 4.49 17.70 -25.86
N LEU A 239 5.56 18.11 -26.57
CA LEU A 239 5.53 19.27 -27.44
C LEU A 239 4.57 19.03 -28.61
N MET A 240 4.69 17.90 -29.32
CA MET A 240 3.81 17.62 -30.46
C MET A 240 2.37 17.33 -30.09
N THR A 241 2.07 17.09 -28.82
CA THR A 241 0.70 16.90 -28.33
C THR A 241 0.18 18.15 -27.57
N ARG A 242 1.05 19.13 -27.31
CA ARG A 242 0.80 20.38 -26.59
C ARG A 242 0.42 20.16 -25.12
N GLY A 243 1.30 19.47 -24.40
CA GLY A 243 1.17 19.20 -22.99
C GLY A 243 0.23 18.08 -22.61
N ALA A 244 0.23 16.99 -23.39
CA ALA A 244 -0.62 15.87 -23.07
C ALA A 244 0.12 14.93 -22.16
N PRO A 245 -0.60 14.32 -21.20
CA PRO A 245 0.06 13.40 -20.28
C PRO A 245 0.41 12.11 -21.01
N PRO A 246 1.69 11.71 -20.98
CA PRO A 246 2.07 10.46 -21.63
C PRO A 246 1.50 9.26 -20.87
N TYR A 247 1.10 8.20 -21.61
CA TYR A 247 0.54 6.97 -21.03
C TYR A 247 -0.58 7.24 -19.98
N PRO A 248 -1.67 7.93 -20.36
CA PRO A 248 -2.69 8.27 -19.36
C PRO A 248 -3.51 7.10 -18.83
N ASP A 249 -3.57 6.02 -19.59
CA ASP A 249 -4.31 4.81 -19.19
C ASP A 249 -3.37 3.65 -18.82
N VAL A 250 -2.11 3.98 -18.46
CA VAL A 250 -1.15 3.00 -17.99
C VAL A 250 -0.82 3.39 -16.55
N ASN A 251 -1.11 2.50 -15.59
CA ASN A 251 -0.83 2.71 -14.17
C ASN A 251 0.65 3.04 -13.95
N THR A 252 0.96 3.72 -12.85
CA THR A 252 2.32 4.03 -12.44
C THR A 252 3.13 2.74 -12.23
N PHE A 253 2.47 1.71 -11.68
CA PHE A 253 3.03 0.40 -11.37
C PHE A 253 3.02 -0.58 -12.56
N ASP A 254 2.63 -0.13 -13.78
CA ASP A 254 2.53 -1.01 -14.96
C ASP A 254 3.40 -0.63 -16.15
N ILE A 255 4.05 0.55 -16.13
CA ILE A 255 4.85 1.01 -17.27
C ILE A 255 6.04 0.12 -17.56
N THR A 256 6.71 -0.45 -16.54
CA THR A 256 7.88 -1.30 -16.77
C THR A 256 7.52 -2.50 -17.63
N VAL A 257 6.43 -3.19 -17.27
CA VAL A 257 5.98 -4.33 -18.05
C VAL A 257 5.46 -3.84 -19.43
N TYR A 258 4.71 -2.74 -19.47
CA TYR A 258 4.22 -2.13 -20.72
C TYR A 258 5.35 -1.86 -21.73
N LEU A 259 6.49 -1.33 -21.25
CA LEU A 259 7.62 -1.01 -22.11
C LEU A 259 8.42 -2.24 -22.50
N LEU A 260 8.56 -3.22 -21.59
CA LEU A 260 9.25 -4.49 -21.87
C LEU A 260 8.52 -5.24 -23.00
N GLN A 261 7.19 -5.17 -23.01
CA GLN A 261 6.36 -5.81 -24.02
C GLN A 261 6.43 -5.16 -25.41
N GLY A 262 7.33 -4.21 -25.61
CA GLY A 262 7.52 -3.54 -26.88
C GLY A 262 6.68 -2.29 -27.10
N ARG A 263 5.57 -2.19 -26.38
CA ARG A 263 4.64 -1.07 -26.53
C ARG A 263 5.26 0.29 -26.27
N ARG A 264 4.81 1.32 -27.00
CA ARG A 264 5.36 2.68 -26.92
C ARG A 264 4.25 3.76 -27.13
N LEU A 265 4.58 5.04 -26.94
CA LEU A 265 3.64 6.14 -27.19
C LEU A 265 3.37 6.21 -28.67
N LEU A 266 2.13 6.53 -29.04
CA LEU A 266 1.76 6.60 -30.45
C LEU A 266 2.00 7.97 -31.06
N GLN A 267 2.01 8.04 -32.40
CA GLN A 267 2.27 9.26 -33.16
C GLN A 267 1.24 10.36 -32.97
N PRO A 268 1.66 11.53 -32.46
CA PRO A 268 0.71 12.65 -32.31
C PRO A 268 0.10 13.05 -33.65
N GLU A 269 -1.16 13.54 -33.65
CA GLU A 269 -1.88 13.91 -34.86
C GLU A 269 -1.09 14.83 -35.79
N TYR A 270 -0.51 15.88 -35.22
CA TYR A 270 0.23 16.85 -36.02
C TYR A 270 1.73 16.70 -35.87
N CYS A 271 2.22 15.46 -35.95
CA CYS A 271 3.65 15.22 -35.89
C CYS A 271 4.17 14.67 -37.20
N PRO A 272 5.19 15.33 -37.80
CA PRO A 272 5.76 14.81 -39.05
C PRO A 272 6.33 13.41 -38.88
N ASP A 273 6.20 12.58 -39.91
CA ASP A 273 6.69 11.19 -39.84
C ASP A 273 8.17 11.07 -39.48
N PRO A 274 9.10 11.89 -40.02
CA PRO A 274 10.50 11.75 -39.63
C PRO A 274 10.77 12.12 -38.17
N LEU A 275 9.97 13.05 -37.61
CA LEU A 275 10.10 13.47 -36.23
C LEU A 275 9.61 12.38 -35.29
N TYR A 276 8.56 11.63 -35.68
CA TYR A 276 8.08 10.52 -34.86
C TYR A 276 9.06 9.32 -34.88
N GLU A 277 9.82 9.16 -35.98
CA GLU A 277 10.86 8.14 -36.05
C GLU A 277 11.94 8.45 -35.03
N VAL A 278 12.25 9.75 -34.82
CA VAL A 278 13.23 10.23 -33.86
C VAL A 278 12.80 9.86 -32.44
N MET A 279 11.52 10.05 -32.11
CA MET A 279 10.99 9.68 -30.79
C MET A 279 11.15 8.18 -30.56
N LEU A 280 10.86 7.36 -31.59
CA LEU A 280 11.00 5.91 -31.54
C LEU A 280 12.45 5.47 -31.36
N LYS A 281 13.40 6.26 -31.86
CA LYS A 281 14.82 5.93 -31.72
C LYS A 281 15.28 6.16 -30.26
N CYS A 282 14.74 7.20 -29.61
CA CYS A 282 15.00 7.51 -28.19
C CYS A 282 14.43 6.44 -27.25
N TRP A 283 13.45 5.65 -27.73
CA TRP A 283 12.78 4.63 -26.93
C TRP A 283 13.26 3.20 -27.23
N HIS A 284 14.48 3.03 -27.72
CA HIS A 284 15.04 1.70 -27.98
C HIS A 284 15.30 1.01 -26.65
N PRO A 285 14.98 -0.29 -26.51
CA PRO A 285 15.25 -0.96 -25.21
C PRO A 285 16.72 -0.94 -24.81
N LYS A 286 17.62 -0.94 -25.81
CA LYS A 286 19.06 -0.86 -25.63
C LYS A 286 19.50 0.59 -25.65
N ALA A 287 20.06 1.08 -24.51
CA ALA A 287 20.58 2.45 -24.39
C ALA A 287 21.64 2.75 -25.45
N GLU A 288 22.50 1.77 -25.69
CA GLU A 288 23.58 1.78 -26.66
C GLU A 288 23.07 2.11 -28.07
N MET A 289 21.88 1.57 -28.44
CA MET A 289 21.26 1.78 -29.75
C MET A 289 20.54 3.12 -29.91
N ARG A 290 20.52 3.98 -28.87
CA ARG A 290 19.81 5.26 -28.95
C ARG A 290 20.65 6.37 -29.54
N PRO A 291 20.02 7.34 -30.25
CA PRO A 291 20.81 8.42 -30.85
C PRO A 291 21.38 9.33 -29.76
N SER A 292 22.62 9.80 -29.93
CA SER A 292 23.20 10.72 -28.95
C SER A 292 22.51 12.10 -29.10
N PHE A 293 22.81 13.07 -28.21
CA PHE A 293 22.22 14.39 -28.34
C PHE A 293 22.75 15.11 -29.58
N SER A 294 24.04 14.89 -29.93
CA SER A 294 24.64 15.47 -31.15
C SER A 294 23.91 15.01 -32.42
N GLU A 295 23.50 13.73 -32.44
CA GLU A 295 22.78 13.14 -33.56
C GLU A 295 21.39 13.75 -33.63
N LEU A 296 20.70 13.84 -32.48
CA LEU A 296 19.36 14.44 -32.37
C LEU A 296 19.32 15.90 -32.86
N VAL A 297 20.38 16.68 -32.57
CA VAL A 297 20.44 18.07 -33.04
C VAL A 297 20.53 18.08 -34.55
N SER A 298 21.38 17.23 -35.12
CA SER A 298 21.56 17.06 -36.54
C SER A 298 20.23 16.69 -37.23
N ARG A 299 19.54 15.64 -36.74
CA ARG A 299 18.27 15.20 -37.30
C ARG A 299 17.12 16.21 -37.14
N ILE A 300 17.01 16.87 -35.99
CA ILE A 300 15.93 17.83 -35.76
C ILE A 300 16.17 19.14 -36.51
N SER A 301 17.44 19.54 -36.70
CA SER A 301 17.77 20.73 -37.49
C SER A 301 17.36 20.46 -38.95
N ALA A 302 17.69 19.25 -39.46
CA ALA A 302 17.35 18.83 -40.81
C ALA A 302 15.84 18.91 -41.05
N ILE A 303 15.01 18.38 -40.10
CA ILE A 303 13.55 18.45 -40.18
C ILE A 303 13.03 19.89 -40.17
N PHE A 304 13.46 20.70 -39.20
CA PHE A 304 13.09 22.11 -39.06
C PHE A 304 13.40 22.93 -40.34
N SER A 305 14.56 22.70 -40.97
CA SER A 305 14.95 23.42 -42.18
C SER A 305 14.05 23.11 -43.39
N THR A 306 13.47 21.89 -43.45
CA THR A 306 12.63 21.49 -44.57
C THR A 306 11.13 21.45 -44.27
N PHE A 307 10.73 21.74 -43.02
CA PHE A 307 9.32 21.75 -42.64
C PHE A 307 8.63 23.00 -43.20
N PRO B 23 27.71 -28.31 30.06
CA PRO B 23 28.60 -28.19 31.23
C PRO B 23 29.14 -26.76 31.39
N GLU B 24 29.66 -26.16 30.29
CA GLU B 24 30.14 -24.79 30.29
C GLU B 24 28.95 -23.81 30.15
N LEU B 25 27.91 -24.22 29.40
CA LEU B 25 26.68 -23.42 29.21
C LEU B 25 25.96 -23.28 30.54
N VAL B 26 25.91 -24.36 31.34
CA VAL B 26 25.28 -24.37 32.66
C VAL B 26 25.97 -23.36 33.59
N GLN B 27 27.30 -23.28 33.51
CA GLN B 27 28.09 -22.36 34.31
C GLN B 27 27.80 -20.90 33.90
N ALA B 28 27.78 -20.64 32.58
CA ALA B 28 27.53 -19.30 32.04
C ALA B 28 26.07 -18.84 32.17
N VAL B 29 25.13 -19.76 32.35
CA VAL B 29 23.71 -19.40 32.42
C VAL B 29 23.17 -19.33 33.87
N GLN B 30 23.94 -19.82 34.86
CA GLN B 30 23.56 -19.87 36.27
C GLN B 30 23.09 -18.53 36.87
N HIS B 31 23.44 -17.39 36.25
CA HIS B 31 22.99 -16.09 36.74
C HIS B 31 21.58 -15.72 36.28
N VAL B 32 21.08 -16.37 35.23
CA VAL B 32 19.73 -16.13 34.72
C VAL B 32 18.74 -17.19 35.26
N VAL B 33 19.22 -18.41 35.57
CA VAL B 33 18.37 -19.51 36.00
C VAL B 33 17.63 -19.20 37.33
N ILE B 34 16.34 -19.53 37.34
CA ILE B 34 15.50 -19.32 38.51
C ILE B 34 15.17 -20.68 39.07
N GLY B 35 15.39 -20.85 40.37
CA GLY B 35 15.05 -22.11 41.02
C GLY B 35 13.55 -22.20 41.17
N PRO B 36 12.97 -23.37 40.88
CA PRO B 36 11.51 -23.54 41.01
C PRO B 36 10.94 -23.12 42.36
N SER B 37 11.79 -23.15 43.40
CA SER B 37 11.48 -22.75 44.77
C SER B 37 11.07 -21.28 44.88
N SER B 38 11.53 -20.43 43.95
CA SER B 38 11.19 -19.01 43.98
C SER B 38 10.09 -18.62 42.96
N LEU B 39 9.53 -19.58 42.21
CA LEU B 39 8.53 -19.27 41.20
C LEU B 39 7.20 -20.04 41.31
N ILE B 40 6.09 -19.28 41.34
CA ILE B 40 4.77 -19.87 41.36
C ILE B 40 4.01 -19.44 40.09
N VAL B 41 3.69 -20.40 39.22
CA VAL B 41 2.98 -20.11 37.99
C VAL B 41 1.51 -20.48 38.12
N HIS B 42 0.62 -19.57 37.71
CA HIS B 42 -0.82 -19.78 37.73
C HIS B 42 -1.29 -20.44 36.43
N GLY B 53 2.82 -20.61 22.76
CA GLY B 53 1.78 -19.59 22.81
C GLY B 53 1.04 -19.60 24.14
N CYS B 54 1.79 -19.53 25.25
CA CYS B 54 1.19 -19.58 26.58
C CYS B 54 1.86 -18.59 27.51
N VAL B 55 1.13 -17.55 27.93
CA VAL B 55 1.66 -16.53 28.84
C VAL B 55 0.75 -16.50 30.07
N TYR B 56 1.22 -17.12 31.16
CA TYR B 56 0.46 -17.27 32.39
C TYR B 56 0.87 -16.25 33.48
N HIS B 57 0.01 -16.03 34.49
CA HIS B 57 0.36 -15.13 35.59
C HIS B 57 1.38 -15.81 36.51
N GLY B 58 2.21 -15.02 37.15
CA GLY B 58 3.25 -15.55 38.01
C GLY B 58 3.49 -14.77 39.28
N THR B 59 4.25 -15.39 40.17
CA THR B 59 4.67 -14.79 41.42
C THR B 59 6.10 -15.25 41.65
N LEU B 60 7.05 -14.38 41.35
CA LEU B 60 8.46 -14.62 41.58
C LEU B 60 8.80 -14.01 42.93
N LEU B 61 9.52 -14.73 43.80
CA LEU B 61 9.91 -14.19 45.10
C LEU B 61 11.40 -13.75 45.12
N ASP B 62 11.75 -12.84 46.04
CA ASP B 62 13.12 -12.34 46.26
C ASP B 62 13.20 -11.38 47.44
N LYS B 66 10.03 -10.35 49.07
CA LYS B 66 8.75 -9.79 48.63
C LYS B 66 8.19 -10.54 47.42
N LYS B 67 6.85 -10.53 47.27
CA LYS B 67 6.22 -11.20 46.14
C LYS B 67 6.27 -10.25 44.96
N ILE B 68 6.66 -10.75 43.79
CA ILE B 68 6.72 -9.94 42.58
C ILE B 68 5.83 -10.56 41.51
N HIS B 69 4.89 -9.76 40.99
CA HIS B 69 4.01 -10.24 39.94
C HIS B 69 4.83 -10.29 38.65
N CYS B 70 4.70 -11.38 37.91
CA CYS B 70 5.43 -11.56 36.65
C CYS B 70 4.59 -12.33 35.59
N ALA B 71 5.05 -12.37 34.34
CA ALA B 71 4.43 -13.10 33.24
C ALA B 71 5.31 -14.32 32.94
N VAL B 72 4.69 -15.47 32.71
CA VAL B 72 5.41 -16.70 32.44
C VAL B 72 5.11 -17.28 31.06
N LYS B 73 6.06 -17.15 30.13
CA LYS B 73 5.89 -17.72 28.80
C LYS B 73 6.47 -19.13 28.73
N SER B 74 5.70 -20.10 28.21
CA SER B 74 6.21 -21.47 28.08
C SER B 74 6.69 -21.68 26.63
N LEU B 75 7.96 -22.11 26.47
CA LEU B 75 8.54 -22.28 25.14
C LEU B 75 8.69 -23.75 24.72
N ASN B 76 8.02 -24.13 23.64
CA ASN B 76 8.05 -25.48 23.08
C ASN B 76 9.31 -25.69 22.23
N VAL B 84 17.48 -26.82 22.38
CA VAL B 84 17.98 -27.31 23.67
C VAL B 84 18.99 -26.34 24.30
N SER B 85 20.07 -26.06 23.58
CA SER B 85 21.13 -25.16 24.03
C SER B 85 21.01 -23.75 23.43
N GLN B 86 20.34 -23.62 22.27
CA GLN B 86 20.17 -22.32 21.60
C GLN B 86 19.40 -21.37 22.52
N PHE B 87 18.34 -21.90 23.18
CA PHE B 87 17.47 -21.21 24.13
C PHE B 87 18.25 -20.62 25.30
N LEU B 88 19.24 -21.37 25.82
CA LEU B 88 20.05 -20.94 26.94
C LEU B 88 21.03 -19.82 26.60
N THR B 89 21.68 -19.90 25.44
CA THR B 89 22.59 -18.83 24.98
C THR B 89 21.79 -17.55 24.74
N GLU B 90 20.58 -17.69 24.21
CA GLU B 90 19.64 -16.61 23.94
C GLU B 90 19.29 -15.86 25.23
N GLY B 91 19.17 -16.59 26.34
CA GLY B 91 18.87 -16.03 27.65
C GLY B 91 20.03 -15.25 28.26
N ILE B 92 21.27 -15.73 28.07
CA ILE B 92 22.47 -15.05 28.57
C ILE B 92 22.55 -13.65 27.92
N ILE B 93 22.26 -13.58 26.60
CA ILE B 93 22.27 -12.33 25.86
C ILE B 93 21.15 -11.43 26.35
N MET B 94 19.94 -11.96 26.46
CA MET B 94 18.76 -11.19 26.87
C MET B 94 18.78 -10.68 28.32
N LYS B 95 19.50 -11.34 29.25
CA LYS B 95 19.58 -10.94 30.68
C LYS B 95 20.26 -9.59 30.88
N ASP B 96 21.16 -9.22 29.95
CA ASP B 96 21.87 -7.95 30.01
C ASP B 96 21.08 -6.75 29.49
N PHE B 97 19.89 -6.98 28.92
CA PHE B 97 19.06 -5.88 28.41
C PHE B 97 18.61 -5.01 29.58
N SER B 98 18.91 -3.72 29.50
CA SER B 98 18.49 -2.76 30.51
C SER B 98 18.20 -1.47 29.79
N HIS B 99 16.94 -1.28 29.42
CA HIS B 99 16.53 -0.09 28.71
C HIS B 99 15.05 0.17 29.03
N PRO B 100 14.66 1.43 29.33
CA PRO B 100 13.26 1.70 29.67
C PRO B 100 12.25 1.23 28.62
N ASN B 101 12.71 1.07 27.37
CA ASN B 101 11.84 0.67 26.30
C ASN B 101 12.06 -0.76 25.82
N VAL B 102 12.72 -1.61 26.61
CA VAL B 102 12.93 -3.02 26.31
C VAL B 102 12.44 -3.88 27.49
N LEU B 103 11.64 -4.93 27.22
CA LEU B 103 11.14 -5.80 28.28
C LEU B 103 12.29 -6.62 28.84
N SER B 104 12.56 -6.48 30.14
CA SER B 104 13.64 -7.20 30.81
C SER B 104 13.39 -8.71 30.89
N LEU B 105 14.47 -9.49 30.99
CA LEU B 105 14.34 -10.92 31.19
C LEU B 105 14.57 -11.12 32.68
N LEU B 106 13.52 -11.49 33.41
CA LEU B 106 13.65 -11.75 34.85
C LEU B 106 14.43 -13.01 35.16
N GLY B 107 14.47 -13.95 34.21
CA GLY B 107 15.19 -15.19 34.32
C GLY B 107 14.52 -16.35 33.60
N ILE B 108 15.18 -17.51 33.59
CA ILE B 108 14.66 -18.71 32.95
C ILE B 108 14.48 -19.83 33.99
N CYS B 109 13.25 -20.36 34.10
CA CYS B 109 13.00 -21.45 35.03
C CYS B 109 13.10 -22.79 34.30
N LEU B 110 14.25 -23.45 34.40
CA LEU B 110 14.48 -24.73 33.72
C LEU B 110 14.00 -25.95 34.52
N SER B 115 9.29 -28.25 28.22
CA SER B 115 9.18 -26.89 27.70
C SER B 115 9.58 -25.89 28.78
N PRO B 116 10.80 -25.30 28.67
CA PRO B 116 11.28 -24.37 29.70
C PRO B 116 10.45 -23.09 29.84
N LEU B 117 10.62 -22.40 30.97
CA LEU B 117 9.83 -21.18 31.20
C LEU B 117 10.67 -19.87 31.17
N VAL B 118 10.09 -18.83 30.56
CA VAL B 118 10.70 -17.51 30.47
C VAL B 118 9.90 -16.59 31.37
N VAL B 119 10.57 -15.95 32.34
CA VAL B 119 9.90 -15.08 33.31
C VAL B 119 10.16 -13.63 32.96
N LEU B 120 9.07 -12.86 32.69
CA LEU B 120 9.14 -11.45 32.30
C LEU B 120 8.39 -10.58 33.29
N PRO B 121 8.72 -9.28 33.43
CA PRO B 121 7.94 -8.42 34.32
C PRO B 121 6.49 -8.28 33.83
N TYR B 122 5.53 -8.20 34.78
CA TYR B 122 4.13 -8.04 34.41
C TYR B 122 3.86 -6.66 33.79
N MET B 123 3.14 -6.64 32.65
CA MET B 123 2.79 -5.41 31.94
C MET B 123 1.31 -5.12 32.11
N LYS B 124 1.00 -4.08 32.86
CA LYS B 124 -0.38 -3.74 33.18
C LYS B 124 -1.32 -3.51 31.98
N HIS B 125 -0.98 -2.59 31.06
CA HIS B 125 -1.90 -2.29 29.95
C HIS B 125 -1.76 -3.20 28.71
N GLY B 126 -1.04 -4.32 28.86
CA GLY B 126 -0.89 -5.36 27.84
C GLY B 126 -0.16 -4.98 26.58
N ASP B 127 -0.46 -5.68 25.47
CA ASP B 127 0.20 -5.36 24.20
C ASP B 127 -0.30 -4.05 23.58
N LEU B 128 0.55 -3.45 22.73
CA LEU B 128 0.34 -2.17 22.06
C LEU B 128 -0.78 -2.24 21.03
N ARG B 129 -1.00 -3.41 20.42
CA ARG B 129 -2.01 -3.59 19.40
C ARG B 129 -3.44 -3.58 19.98
N ASN B 130 -3.67 -4.31 21.08
CA ASN B 130 -4.98 -4.32 21.72
C ASN B 130 -5.30 -2.97 22.38
N PHE B 131 -4.27 -2.24 22.83
CA PHE B 131 -4.42 -0.95 23.45
C PHE B 131 -5.00 0.09 22.50
N ILE B 132 -4.51 0.12 21.26
CA ILE B 132 -4.97 1.08 20.26
C ILE B 132 -6.29 0.64 19.61
N ARG B 133 -6.57 -0.67 19.57
CA ARG B 133 -7.82 -1.18 19.03
C ARG B 133 -8.99 -0.99 19.99
N ASN B 134 -8.72 -0.85 21.32
CA ASN B 134 -9.75 -0.69 22.35
C ASN B 134 -10.48 0.65 22.24
N GLU B 135 -11.82 0.59 22.23
CA GLU B 135 -12.70 1.76 22.12
C GLU B 135 -12.63 2.65 23.36
N THR B 136 -12.52 2.02 24.53
CA THR B 136 -12.45 2.74 25.81
C THR B 136 -11.27 3.72 25.84
N HIS B 137 -10.09 3.30 25.35
CA HIS B 137 -8.93 4.18 25.29
C HIS B 137 -9.08 5.15 24.12
N ASN B 138 -8.60 6.39 24.27
CA ASN B 138 -8.65 7.35 23.17
C ASN B 138 -7.33 8.11 23.05
N PRO B 139 -6.29 7.43 22.52
CA PRO B 139 -4.99 8.09 22.40
C PRO B 139 -5.00 9.09 21.26
N THR B 140 -4.37 10.22 21.49
CA THR B 140 -4.26 11.29 20.52
C THR B 140 -3.25 10.89 19.43
N VAL B 141 -3.14 11.68 18.35
CA VAL B 141 -2.14 11.42 17.31
C VAL B 141 -0.72 11.53 17.91
N LYS B 142 -0.51 12.45 18.88
CA LYS B 142 0.74 12.67 19.61
C LYS B 142 1.05 11.50 20.53
N ASP B 143 0.01 10.88 21.12
CA ASP B 143 0.18 9.71 21.99
C ASP B 143 0.73 8.56 21.13
N LEU B 144 0.15 8.35 19.94
CA LEU B 144 0.54 7.31 18.99
C LEU B 144 1.94 7.50 18.45
N ILE B 145 2.35 8.74 18.19
CA ILE B 145 3.71 9.05 17.73
C ILE B 145 4.73 8.86 18.87
N GLY B 146 4.31 9.18 20.10
CA GLY B 146 5.11 8.99 21.29
C GLY B 146 5.36 7.52 21.53
N PHE B 147 4.37 6.66 21.23
CA PHE B 147 4.51 5.22 21.39
C PHE B 147 5.58 4.69 20.43
N GLY B 148 5.55 5.19 19.19
CA GLY B 148 6.48 4.85 18.13
C GLY B 148 7.87 5.30 18.43
N LEU B 149 8.01 6.46 19.09
CA LEU B 149 9.30 7.01 19.49
C LEU B 149 9.93 6.10 20.54
N GLN B 150 9.12 5.56 21.46
CA GLN B 150 9.58 4.63 22.49
C GLN B 150 10.03 3.30 21.87
N VAL B 151 9.28 2.79 20.90
CA VAL B 151 9.63 1.57 20.19
C VAL B 151 10.94 1.76 19.43
N ALA B 152 11.15 2.94 18.82
CA ALA B 152 12.40 3.25 18.09
C ALA B 152 13.58 3.32 19.05
N LYS B 153 13.36 3.84 20.28
CA LYS B 153 14.40 3.90 21.31
C LYS B 153 14.74 2.51 21.86
N GLY B 154 13.72 1.66 21.94
CA GLY B 154 13.90 0.28 22.37
C GLY B 154 14.68 -0.50 21.32
N MET B 155 14.36 -0.27 20.04
CA MET B 155 15.04 -0.91 18.91
C MET B 155 16.44 -0.36 18.67
N LYS B 156 16.68 0.90 19.01
CA LYS B 156 18.01 1.52 18.93
C LYS B 156 18.94 0.85 19.98
N TYR B 157 18.38 0.48 21.15
CA TYR B 157 19.16 -0.23 22.15
C TYR B 157 19.43 -1.65 21.65
N LEU B 158 18.40 -2.36 21.18
CA LEU B 158 18.56 -3.74 20.71
C LEU B 158 19.58 -3.86 19.59
N ALA B 159 19.53 -2.93 18.60
CA ALA B 159 20.44 -2.92 17.45
C ALA B 159 21.87 -2.58 17.87
N SER B 160 22.04 -1.71 18.88
CA SER B 160 23.36 -1.37 19.38
C SER B 160 24.10 -2.59 19.94
N LYS B 161 23.35 -3.61 20.42
CA LYS B 161 23.88 -4.86 20.96
C LYS B 161 23.83 -6.02 19.95
N LYS B 162 23.85 -5.69 18.64
CA LYS B 162 23.83 -6.63 17.51
C LYS B 162 22.63 -7.61 17.52
N PHE B 163 21.52 -7.21 18.17
CA PHE B 163 20.33 -8.05 18.27
C PHE B 163 19.33 -7.77 17.14
N VAL B 164 18.88 -8.85 16.47
CA VAL B 164 17.90 -8.81 15.39
C VAL B 164 16.62 -9.45 15.89
N HIS B 165 15.56 -8.62 16.06
CA HIS B 165 14.25 -8.98 16.56
C HIS B 165 13.59 -10.08 15.76
N ARG B 166 13.46 -9.91 14.43
CA ARG B 166 12.82 -10.88 13.54
C ARG B 166 11.29 -10.98 13.68
N ASP B 167 10.69 -10.18 14.56
CA ASP B 167 9.23 -10.22 14.77
C ASP B 167 8.73 -8.88 15.32
N LEU B 168 9.32 -7.76 14.89
CA LEU B 168 8.87 -6.45 15.36
C LEU B 168 7.47 -6.12 14.82
N ALA B 169 6.52 -5.92 15.72
CA ALA B 169 5.12 -5.59 15.45
C ALA B 169 4.46 -5.06 16.73
N ALA B 170 3.33 -4.33 16.61
CA ALA B 170 2.67 -3.79 17.80
C ALA B 170 2.19 -4.89 18.76
N ARG B 171 1.84 -6.08 18.25
CA ARG B 171 1.41 -7.19 19.11
C ARG B 171 2.53 -7.68 20.05
N ASN B 172 3.81 -7.32 19.75
CA ASN B 172 4.99 -7.71 20.52
C ASN B 172 5.57 -6.58 21.37
N CYS B 173 4.86 -5.47 21.49
CA CYS B 173 5.29 -4.36 22.34
C CYS B 173 4.28 -4.28 23.48
N MET B 174 4.76 -4.14 24.71
CA MET B 174 3.88 -4.09 25.88
C MET B 174 3.84 -2.69 26.53
N LEU B 175 2.79 -2.42 27.34
CA LEU B 175 2.62 -1.16 28.06
C LEU B 175 2.65 -1.46 29.54
N ASP B 176 3.42 -0.69 30.32
CA ASP B 176 3.40 -0.87 31.77
C ASP B 176 2.34 0.07 32.41
N GLU B 177 2.26 0.16 33.75
CA GLU B 177 1.33 1.05 34.44
C GLU B 177 1.52 2.54 34.08
N LYS B 178 2.75 2.94 33.72
CA LYS B 178 3.02 4.32 33.32
C LYS B 178 3.05 4.53 31.79
N PHE B 179 2.45 3.58 31.04
CA PHE B 179 2.32 3.58 29.57
C PHE B 179 3.66 3.63 28.83
N THR B 180 4.74 3.17 29.47
CA THR B 180 6.04 3.08 28.85
C THR B 180 6.01 1.85 27.94
N VAL B 181 6.48 2.00 26.70
CA VAL B 181 6.43 0.90 25.74
C VAL B 181 7.67 0.07 25.89
N LYS B 182 7.51 -1.24 26.05
CA LYS B 182 8.61 -2.17 26.19
C LYS B 182 8.57 -3.12 25.01
N VAL B 183 9.63 -3.17 24.21
CA VAL B 183 9.72 -4.10 23.09
C VAL B 183 9.94 -5.49 23.67
N ALA B 184 9.18 -6.45 23.19
CA ALA B 184 9.24 -7.82 23.69
C ALA B 184 9.04 -8.83 22.50
N ASP B 185 8.94 -10.16 22.75
CA ASP B 185 8.73 -11.14 21.71
C ASP B 185 7.83 -12.25 22.26
N PHE B 186 6.55 -12.16 22.01
CA PHE B 186 5.58 -13.16 22.44
C PHE B 186 5.11 -14.05 21.27
N GLY B 187 5.86 -14.11 20.17
CA GLY B 187 5.50 -14.90 19.00
C GLY B 187 6.68 -15.52 18.26
N LEU B 188 7.72 -15.95 19.01
CA LEU B 188 8.94 -16.57 18.48
C LEU B 188 10.19 -16.39 19.43
N ALA B 189 11.36 -16.76 18.89
CA ALA B 189 12.76 -16.82 19.33
C ALA B 189 13.57 -17.64 18.25
N ARG B 190 12.85 -18.53 17.48
CA ARG B 190 13.31 -19.44 16.43
C ARG B 190 13.94 -18.68 15.26
N GLY B 205 4.74 -26.94 8.85
CA GLY B 205 3.84 -26.03 9.55
C GLY B 205 4.55 -24.90 10.30
N ALA B 206 5.67 -24.42 9.75
CA ALA B 206 6.42 -23.33 10.38
C ALA B 206 5.94 -21.98 9.87
N LYS B 207 5.11 -21.31 10.67
CA LYS B 207 4.54 -20.00 10.29
C LYS B 207 5.52 -18.85 10.53
N LEU B 208 5.32 -17.75 9.78
CA LEU B 208 6.12 -16.51 9.80
C LEU B 208 5.17 -15.28 9.71
N PRO B 209 5.58 -14.08 10.18
CA PRO B 209 4.68 -12.92 10.07
C PRO B 209 4.92 -12.16 8.75
N VAL B 210 4.46 -12.75 7.64
CA VAL B 210 4.71 -12.24 6.29
C VAL B 210 4.31 -10.76 6.10
N LYS B 211 3.19 -10.29 6.70
CA LYS B 211 2.75 -8.90 6.45
C LYS B 211 3.61 -7.82 7.16
N TRP B 212 4.63 -8.23 7.92
CA TRP B 212 5.55 -7.32 8.62
C TRP B 212 7.00 -7.43 8.11
N MET B 213 7.29 -8.42 7.25
CA MET B 213 8.61 -8.73 6.74
C MET B 213 9.03 -7.97 5.54
N ALA B 214 10.31 -7.60 5.51
CA ALA B 214 10.96 -6.89 4.40
C ALA B 214 10.95 -7.73 3.13
N LEU B 215 11.01 -7.08 1.95
CA LEU B 215 11.02 -7.76 0.65
C LEU B 215 12.10 -8.83 0.58
N GLU B 216 13.34 -8.51 1.03
CA GLU B 216 14.44 -9.48 1.00
C GLU B 216 14.24 -10.61 1.97
N SER B 217 13.55 -10.36 3.11
CA SER B 217 13.25 -11.43 4.06
C SER B 217 12.22 -12.39 3.48
N LEU B 218 11.32 -11.92 2.62
CA LEU B 218 10.35 -12.78 1.96
C LEU B 218 10.98 -13.62 0.83
N GLN B 219 12.13 -13.21 0.31
CA GLN B 219 12.80 -13.91 -0.78
C GLN B 219 13.97 -14.79 -0.29
N THR B 220 15.00 -14.19 0.34
CA THR B 220 16.15 -14.92 0.88
C THR B 220 15.89 -15.55 2.24
N GLN B 221 14.82 -15.14 2.95
CA GLN B 221 14.50 -15.58 4.32
C GLN B 221 15.61 -15.22 5.32
N LYS B 222 16.40 -14.17 5.02
CA LYS B 222 17.51 -13.72 5.85
C LYS B 222 17.18 -12.40 6.56
N PHE B 223 17.17 -12.42 7.90
CA PHE B 223 16.84 -11.24 8.71
C PHE B 223 18.06 -10.42 9.17
N THR B 224 17.92 -9.10 9.13
CA THR B 224 18.97 -8.13 9.50
C THR B 224 18.33 -6.99 10.35
N THR B 225 19.16 -6.01 10.81
CA THR B 225 18.62 -4.84 11.48
C THR B 225 17.87 -3.95 10.46
N LYS B 226 18.22 -4.00 9.16
CA LYS B 226 17.50 -3.23 8.15
C LYS B 226 16.11 -3.81 7.81
N SER B 227 15.89 -5.09 8.09
CA SER B 227 14.56 -5.71 7.90
C SER B 227 13.68 -5.43 9.16
N ASP B 228 14.31 -5.21 10.32
CA ASP B 228 13.67 -4.77 11.55
C ASP B 228 13.21 -3.30 11.38
N VAL B 229 13.96 -2.48 10.63
CA VAL B 229 13.57 -1.11 10.31
C VAL B 229 12.33 -1.15 9.39
N TRP B 230 12.25 -2.11 8.44
CA TRP B 230 11.06 -2.32 7.60
C TRP B 230 9.84 -2.55 8.50
N SER B 231 9.94 -3.55 9.42
CA SER B 231 8.89 -3.93 10.38
C SER B 231 8.49 -2.75 11.25
N PHE B 232 9.45 -1.89 11.60
CA PHE B 232 9.19 -0.69 12.40
C PHE B 232 8.24 0.25 11.64
N GLY B 233 8.46 0.40 10.33
CA GLY B 233 7.63 1.24 9.49
C GLY B 233 6.20 0.74 9.45
N VAL B 234 6.03 -0.60 9.41
CA VAL B 234 4.71 -1.26 9.42
C VAL B 234 4.06 -1.00 10.76
N LEU B 235 4.81 -1.14 11.86
CA LEU B 235 4.37 -0.85 13.22
C LEU B 235 3.88 0.61 13.36
N LEU B 236 4.57 1.60 12.72
CA LEU B 236 4.11 2.99 12.75
C LEU B 236 2.74 3.09 12.09
N TRP B 237 2.56 2.39 10.94
CA TRP B 237 1.32 2.32 10.17
C TRP B 237 0.22 1.74 11.06
N GLU B 238 0.52 0.62 11.75
CA GLU B 238 -0.33 -0.07 12.71
C GLU B 238 -0.79 0.90 13.78
N LEU B 239 0.13 1.76 14.26
CA LEU B 239 -0.14 2.75 15.31
C LEU B 239 -1.08 3.84 14.82
N MET B 240 -0.81 4.42 13.62
CA MET B 240 -1.62 5.51 13.10
C MET B 240 -2.97 5.10 12.57
N THR B 241 -3.12 3.82 12.20
CA THR B 241 -4.42 3.31 11.79
C THR B 241 -5.14 2.66 12.99
N ARG B 242 -4.71 2.95 14.25
CA ARG B 242 -5.24 2.42 15.50
C ARG B 242 -5.48 0.91 15.49
N GLY B 243 -4.48 0.17 15.03
CA GLY B 243 -4.51 -1.28 15.05
C GLY B 243 -5.15 -1.97 13.87
N ALA B 244 -5.16 -1.32 12.68
CA ALA B 244 -5.72 -1.97 11.50
C ALA B 244 -4.73 -3.04 11.04
N PRO B 245 -5.24 -4.21 10.63
CA PRO B 245 -4.31 -5.26 10.14
C PRO B 245 -3.60 -4.79 8.86
N PRO B 246 -2.27 -4.97 8.74
CA PRO B 246 -1.57 -4.47 7.55
C PRO B 246 -2.08 -5.09 6.25
N TYR B 247 -2.05 -4.30 5.16
CA TYR B 247 -2.54 -4.64 3.81
C TYR B 247 -3.89 -5.34 3.88
N PRO B 248 -4.90 -4.69 4.50
CA PRO B 248 -6.21 -5.35 4.63
C PRO B 248 -6.93 -5.68 3.33
N ASP B 249 -6.41 -5.17 2.20
CA ASP B 249 -6.97 -5.41 0.88
C ASP B 249 -6.03 -6.25 -0.03
N VAL B 250 -5.00 -6.90 0.57
CA VAL B 250 -4.03 -7.72 -0.15
C VAL B 250 -4.00 -9.11 0.48
N ASN B 251 -4.10 -10.16 -0.35
CA ASN B 251 -4.04 -11.53 0.14
C ASN B 251 -2.64 -11.82 0.69
N THR B 252 -2.53 -12.55 1.78
CA THR B 252 -1.24 -12.88 2.40
C THR B 252 -0.23 -13.47 1.40
N PHE B 253 -0.72 -14.30 0.47
CA PHE B 253 0.09 -14.93 -0.58
C PHE B 253 0.47 -13.95 -1.71
N ASP B 254 -0.21 -12.82 -1.82
CA ASP B 254 0.04 -11.78 -2.83
C ASP B 254 0.97 -10.65 -2.35
N ILE B 255 1.40 -10.67 -1.08
CA ILE B 255 2.28 -9.64 -0.52
C ILE B 255 3.56 -9.44 -1.33
N THR B 256 4.23 -10.52 -1.72
CA THR B 256 5.47 -10.44 -2.49
C THR B 256 5.26 -9.76 -3.86
N VAL B 257 4.20 -10.14 -4.58
CA VAL B 257 3.93 -9.57 -5.90
C VAL B 257 3.60 -8.08 -5.75
N TYR B 258 2.77 -7.76 -4.75
CA TYR B 258 2.35 -6.41 -4.39
C TYR B 258 3.57 -5.51 -4.16
N LEU B 259 4.50 -5.96 -3.29
CA LEU B 259 5.71 -5.25 -2.91
C LEU B 259 6.67 -5.12 -4.08
N LEU B 260 6.80 -6.19 -4.87
CA LEU B 260 7.70 -6.22 -6.02
C LEU B 260 7.34 -5.13 -7.03
N GLN B 261 6.02 -4.89 -7.21
CA GLN B 261 5.53 -3.84 -8.10
C GLN B 261 5.79 -2.43 -7.60
N GLY B 262 6.42 -2.27 -6.42
CA GLY B 262 6.69 -0.97 -5.82
C GLY B 262 5.54 -0.39 -5.02
N ARG B 263 4.48 -1.18 -4.76
CA ARG B 263 3.33 -0.69 -3.99
C ARG B 263 3.62 -0.78 -2.50
N ARG B 264 3.11 0.20 -1.74
CA ARG B 264 3.33 0.29 -0.30
C ARG B 264 2.04 0.66 0.40
N LEU B 265 1.95 0.36 1.73
CA LEU B 265 0.81 0.68 2.60
C LEU B 265 0.40 2.16 2.39
N LEU B 266 -0.89 2.43 2.15
CA LEU B 266 -1.32 3.80 1.88
C LEU B 266 -1.25 4.65 3.13
N GLN B 267 -1.29 5.98 2.96
CA GLN B 267 -1.20 6.87 4.10
C GLN B 267 -2.45 6.89 4.95
N PRO B 268 -2.31 6.62 6.26
CA PRO B 268 -3.49 6.67 7.14
C PRO B 268 -4.04 8.10 7.20
N GLU B 269 -5.37 8.28 7.10
CA GLU B 269 -6.04 9.59 7.09
C GLU B 269 -5.58 10.59 8.18
N TYR B 270 -5.24 10.10 9.37
CA TYR B 270 -4.78 10.99 10.44
C TYR B 270 -3.29 10.86 10.71
N CYS B 271 -2.52 10.52 9.69
CA CYS B 271 -1.09 10.36 9.84
C CYS B 271 -0.45 11.57 9.23
N PRO B 272 0.38 12.31 9.99
CA PRO B 272 1.04 13.47 9.41
C PRO B 272 1.93 13.07 8.24
N ASP B 273 1.92 13.90 7.19
CA ASP B 273 2.70 13.71 5.98
C ASP B 273 4.20 13.45 6.23
N PRO B 274 4.89 14.10 7.20
CA PRO B 274 6.31 13.78 7.42
C PRO B 274 6.51 12.41 8.04
N LEU B 275 5.60 11.96 8.92
CA LEU B 275 5.69 10.65 9.54
C LEU B 275 5.49 9.56 8.47
N TYR B 276 4.58 9.77 7.50
CA TYR B 276 4.38 8.83 6.39
C TYR B 276 5.59 8.78 5.47
N GLU B 277 6.35 9.89 5.36
CA GLU B 277 7.60 9.89 4.59
C GLU B 277 8.65 9.04 5.34
N VAL B 278 8.64 9.04 6.68
CA VAL B 278 9.52 8.23 7.50
C VAL B 278 9.20 6.75 7.21
N MET B 279 7.90 6.40 7.23
CA MET B 279 7.37 5.07 6.94
C MET B 279 7.85 4.54 5.61
N LEU B 280 7.76 5.39 4.56
CA LEU B 280 8.19 5.00 3.22
C LEU B 280 9.68 4.73 3.20
N LYS B 281 10.51 5.49 3.94
CA LYS B 281 11.96 5.29 4.00
C LYS B 281 12.33 3.94 4.62
N CYS B 282 11.52 3.46 5.60
CA CYS B 282 11.66 2.12 6.21
C CYS B 282 11.38 1.02 5.19
N TRP B 283 10.60 1.30 4.14
CA TRP B 283 10.20 0.35 3.11
C TRP B 283 10.96 0.53 1.81
N HIS B 284 12.21 0.99 1.86
CA HIS B 284 13.02 1.13 0.65
C HIS B 284 13.43 -0.28 0.20
N PRO B 285 13.21 -0.66 -1.06
CA PRO B 285 13.59 -2.02 -1.51
C PRO B 285 15.06 -2.39 -1.26
N LYS B 286 15.93 -1.39 -1.24
CA LYS B 286 17.35 -1.61 -1.00
C LYS B 286 17.61 -1.45 0.48
N ALA B 287 17.86 -2.57 1.17
CA ALA B 287 18.10 -2.64 2.62
C ALA B 287 18.95 -1.50 3.19
N GLU B 288 20.12 -1.21 2.59
CA GLU B 288 21.04 -0.16 3.05
C GLU B 288 20.48 1.25 2.98
N MET B 289 19.51 1.47 2.09
CA MET B 289 18.91 2.78 1.88
C MET B 289 17.84 3.17 2.91
N ARG B 290 17.51 2.26 3.82
CA ARG B 290 16.56 2.55 4.89
C ARG B 290 17.31 3.25 6.02
N PRO B 291 16.63 4.12 6.78
CA PRO B 291 17.30 4.78 7.92
C PRO B 291 17.71 3.80 9.01
N SER B 292 18.64 4.20 9.88
CA SER B 292 19.01 3.34 11.01
C SER B 292 18.02 3.66 12.14
N PHE B 293 17.97 2.81 13.17
CA PHE B 293 17.09 3.05 14.30
C PHE B 293 17.46 4.33 15.02
N SER B 294 18.77 4.64 15.13
CA SER B 294 19.22 5.87 15.77
C SER B 294 18.84 7.12 14.95
N GLU B 295 18.83 6.99 13.61
CA GLU B 295 18.40 8.06 12.71
C GLU B 295 16.88 8.23 12.85
N LEU B 296 16.13 7.11 12.90
CA LEU B 296 14.69 7.09 13.06
C LEU B 296 14.26 7.76 14.35
N VAL B 297 15.04 7.56 15.44
CA VAL B 297 14.80 8.17 16.75
C VAL B 297 14.85 9.69 16.63
N SER B 298 15.89 10.21 16.01
CA SER B 298 16.08 11.64 15.86
C SER B 298 15.05 12.26 14.94
N ARG B 299 14.68 11.57 13.84
CA ARG B 299 13.67 12.09 12.93
C ARG B 299 12.30 12.18 13.61
N ILE B 300 11.90 11.10 14.30
CA ILE B 300 10.60 11.03 14.98
C ILE B 300 10.56 11.92 16.24
N SER B 301 11.72 12.22 16.86
CA SER B 301 11.72 13.11 18.04
C SER B 301 11.28 14.53 17.66
N ALA B 302 11.82 15.04 16.53
CA ALA B 302 11.50 16.35 15.97
C ALA B 302 10.06 16.43 15.52
N ILE B 303 9.46 15.30 15.09
CA ILE B 303 8.06 15.22 14.70
C ILE B 303 7.18 15.22 15.97
N PHE B 304 7.61 14.52 17.04
CA PHE B 304 6.88 14.47 18.30
C PHE B 304 6.88 15.84 18.99
N SER B 305 7.99 16.59 18.89
CA SER B 305 8.06 17.92 19.49
C SER B 305 7.15 18.96 18.80
N THR B 306 6.67 18.67 17.57
CA THR B 306 5.76 19.56 16.86
C THR B 306 4.30 19.16 17.11
N PRO C 23 -17.63 -26.59 27.79
CA PRO C 23 -18.08 -27.45 28.90
C PRO C 23 -19.55 -27.85 28.74
N GLU C 24 -20.39 -26.89 28.33
CA GLU C 24 -21.81 -27.07 28.08
C GLU C 24 -22.14 -26.85 26.57
N LEU C 25 -21.20 -26.30 25.78
CA LEU C 25 -21.40 -26.06 24.36
C LEU C 25 -21.56 -27.37 23.57
N VAL C 26 -20.94 -28.46 24.04
CA VAL C 26 -21.08 -29.76 23.39
C VAL C 26 -22.51 -30.29 23.57
N GLN C 27 -23.13 -30.03 24.75
CA GLN C 27 -24.51 -30.42 25.00
C GLN C 27 -25.44 -29.66 24.04
N ALA C 28 -25.17 -28.36 23.86
CA ALA C 28 -25.94 -27.50 23.00
C ALA C 28 -25.77 -27.80 21.51
N VAL C 29 -24.58 -28.25 21.09
CA VAL C 29 -24.33 -28.56 19.67
C VAL C 29 -24.67 -30.02 19.30
N GLN C 30 -25.27 -30.78 20.24
CA GLN C 30 -25.59 -32.17 20.00
C GLN C 30 -26.65 -32.37 18.93
N HIS C 31 -27.64 -31.46 18.87
CA HIS C 31 -28.70 -31.56 17.88
C HIS C 31 -28.25 -31.31 16.44
N VAL C 32 -27.19 -30.55 16.26
CA VAL C 32 -26.71 -30.21 14.92
C VAL C 32 -25.64 -31.21 14.43
N VAL C 33 -24.90 -31.87 15.34
CA VAL C 33 -23.88 -32.83 14.91
C VAL C 33 -24.48 -34.08 14.23
N ILE C 34 -23.83 -34.52 13.16
CA ILE C 34 -24.18 -35.69 12.36
C ILE C 34 -23.24 -36.81 12.77
N GLY C 35 -23.79 -37.97 13.10
CA GLY C 35 -22.98 -39.12 13.47
C GLY C 35 -22.13 -39.61 12.32
N PRO C 36 -21.03 -40.33 12.60
CA PRO C 36 -20.17 -40.81 11.50
C PRO C 36 -20.87 -41.80 10.60
N SER C 37 -21.63 -42.74 11.19
CA SER C 37 -22.36 -43.73 10.42
C SER C 37 -23.76 -43.25 10.03
N SER C 38 -23.97 -41.94 9.94
CA SER C 38 -25.28 -41.39 9.58
C SER C 38 -25.24 -40.59 8.28
N LEU C 39 -24.19 -40.75 7.45
CA LEU C 39 -24.07 -39.98 6.22
C LEU C 39 -23.24 -40.68 5.17
N ILE C 40 -23.73 -40.69 3.94
CA ILE C 40 -22.98 -41.19 2.82
C ILE C 40 -22.45 -39.98 2.05
N VAL C 41 -21.14 -39.95 1.79
CA VAL C 41 -20.50 -38.88 1.05
C VAL C 41 -19.91 -39.48 -0.23
N HIS C 42 -20.47 -39.10 -1.38
CA HIS C 42 -20.05 -39.60 -2.68
C HIS C 42 -18.85 -38.81 -3.22
N GLY C 53 -10.74 -27.81 1.12
CA GLY C 53 -11.97 -27.25 0.57
C GLY C 53 -12.43 -27.93 -0.71
N CYS C 54 -13.64 -28.52 -0.68
CA CYS C 54 -14.28 -29.23 -1.80
C CYS C 54 -15.77 -29.53 -1.50
N VAL C 55 -16.59 -29.75 -2.54
CA VAL C 55 -18.01 -30.04 -2.35
C VAL C 55 -18.41 -31.33 -3.06
N TYR C 56 -18.99 -32.28 -2.32
CA TYR C 56 -19.37 -33.58 -2.86
C TYR C 56 -20.86 -33.87 -2.71
N HIS C 57 -21.37 -34.84 -3.47
CA HIS C 57 -22.76 -35.28 -3.32
C HIS C 57 -22.91 -36.06 -1.99
N GLY C 58 -24.14 -36.19 -1.53
CA GLY C 58 -24.40 -36.88 -0.28
C GLY C 58 -25.78 -37.47 -0.14
N THR C 59 -25.96 -38.29 0.90
CA THR C 59 -27.21 -38.93 1.27
C THR C 59 -27.30 -38.95 2.78
N LEU C 60 -28.26 -38.21 3.33
CA LEU C 60 -28.48 -38.19 4.77
C LEU C 60 -29.51 -39.24 5.17
N ILE C 68 -32.35 -38.72 1.45
CA ILE C 68 -32.23 -37.27 1.29
C ILE C 68 -31.01 -36.90 0.46
N HIS C 69 -31.22 -36.34 -0.73
CA HIS C 69 -30.11 -35.90 -1.56
C HIS C 69 -29.57 -34.61 -0.92
N CYS C 70 -28.26 -34.57 -0.63
CA CYS C 70 -27.68 -33.37 -0.02
C CYS C 70 -26.25 -33.05 -0.55
N ALA C 71 -25.69 -31.91 -0.15
CA ALA C 71 -24.35 -31.49 -0.57
C ALA C 71 -23.45 -31.39 0.66
N VAL C 72 -22.28 -32.02 0.59
CA VAL C 72 -21.36 -32.06 1.74
C VAL C 72 -20.05 -31.35 1.42
N LYS C 73 -19.69 -30.34 2.25
CA LYS C 73 -18.46 -29.57 2.03
C LYS C 73 -17.33 -29.95 3.00
N SER C 74 -16.13 -30.15 2.46
CA SER C 74 -14.95 -30.52 3.24
C SER C 74 -14.12 -29.32 3.69
N LEU C 75 -13.38 -29.47 4.81
CA LEU C 75 -12.55 -28.40 5.36
C LEU C 75 -11.22 -28.95 5.91
N VAL C 84 -12.29 -24.18 16.72
CA VAL C 84 -13.06 -25.42 16.86
C VAL C 84 -14.36 -25.15 17.60
N SER C 85 -14.29 -24.35 18.66
CA SER C 85 -15.48 -23.97 19.43
C SER C 85 -16.37 -23.02 18.60
N GLN C 86 -15.74 -22.17 17.75
CA GLN C 86 -16.43 -21.24 16.86
C GLN C 86 -17.27 -22.05 15.85
N PHE C 87 -16.72 -23.14 15.33
CA PHE C 87 -17.39 -24.05 14.40
C PHE C 87 -18.65 -24.67 15.01
N LEU C 88 -18.70 -24.82 16.34
CA LEU C 88 -19.87 -25.36 17.01
C LEU C 88 -20.92 -24.28 17.15
N THR C 89 -20.52 -23.08 17.59
CA THR C 89 -21.47 -21.96 17.71
C THR C 89 -22.04 -21.59 16.34
N GLU C 90 -21.24 -21.74 15.27
CA GLU C 90 -21.66 -21.49 13.90
C GLU C 90 -22.80 -22.43 13.54
N GLY C 91 -22.59 -23.73 13.78
CA GLY C 91 -23.58 -24.78 13.55
C GLY C 91 -24.86 -24.54 14.34
N ILE C 92 -24.75 -24.14 15.62
CA ILE C 92 -25.94 -23.88 16.43
C ILE C 92 -26.75 -22.73 15.84
N ILE C 93 -26.08 -21.61 15.54
CA ILE C 93 -26.72 -20.42 14.97
C ILE C 93 -27.37 -20.74 13.63
N MET C 94 -26.61 -21.29 12.67
CA MET C 94 -27.11 -21.63 11.34
C MET C 94 -28.20 -22.72 11.36
N LYS C 95 -28.22 -23.56 12.41
CA LYS C 95 -29.23 -24.60 12.56
C LYS C 95 -30.62 -23.97 12.70
N ASP C 96 -30.71 -22.79 13.35
CA ASP C 96 -32.00 -22.13 13.53
C ASP C 96 -32.51 -21.36 12.30
N PHE C 97 -31.68 -21.24 11.25
CA PHE C 97 -32.10 -20.52 10.03
C PHE C 97 -33.23 -21.24 9.30
N SER C 98 -34.44 -20.66 9.33
CA SER C 98 -35.59 -21.23 8.63
C SER C 98 -36.26 -20.15 7.76
N HIS C 99 -35.78 -19.99 6.52
CA HIS C 99 -36.31 -18.97 5.63
C HIS C 99 -36.32 -19.51 4.20
N PRO C 100 -37.36 -19.19 3.40
CA PRO C 100 -37.39 -19.68 2.01
C PRO C 100 -36.29 -19.14 1.11
N ASN C 101 -35.59 -18.08 1.54
CA ASN C 101 -34.51 -17.51 0.75
C ASN C 101 -33.13 -17.59 1.42
N VAL C 102 -32.98 -18.44 2.47
CA VAL C 102 -31.72 -18.67 3.17
C VAL C 102 -31.47 -20.18 3.15
N LEU C 103 -30.35 -20.63 2.59
CA LEU C 103 -30.03 -22.06 2.56
C LEU C 103 -29.81 -22.55 3.99
N SER C 104 -30.67 -23.46 4.46
CA SER C 104 -30.60 -23.97 5.83
C SER C 104 -29.42 -24.92 6.10
N LEU C 105 -29.13 -25.21 7.38
CA LEU C 105 -28.04 -26.13 7.72
C LEU C 105 -28.60 -27.44 8.27
N LEU C 106 -28.31 -28.57 7.59
CA LEU C 106 -28.78 -29.88 8.03
C LEU C 106 -27.92 -30.37 9.19
N GLY C 107 -26.61 -30.20 9.09
CA GLY C 107 -25.71 -30.57 10.18
C GLY C 107 -24.23 -30.51 9.90
N ILE C 108 -23.42 -30.41 10.97
CA ILE C 108 -21.95 -30.41 10.93
C ILE C 108 -21.45 -31.80 11.34
N CYS C 109 -20.33 -32.25 10.76
CA CYS C 109 -19.82 -33.59 11.03
C CYS C 109 -18.29 -33.58 11.22
N LEU C 110 -17.81 -33.65 12.48
CA LEU C 110 -16.36 -33.65 12.73
C LEU C 110 -15.82 -35.02 13.13
N SER C 115 -10.87 -34.01 8.90
CA SER C 115 -11.45 -32.77 8.36
C SER C 115 -12.95 -32.64 8.65
N PRO C 116 -13.42 -31.44 9.03
CA PRO C 116 -14.86 -31.26 9.31
C PRO C 116 -15.72 -31.29 8.05
N LEU C 117 -17.02 -31.51 8.21
CA LEU C 117 -17.92 -31.56 7.07
C LEU C 117 -19.19 -30.72 7.31
N VAL C 118 -19.66 -30.01 6.27
CA VAL C 118 -20.86 -29.19 6.39
C VAL C 118 -21.92 -29.78 5.48
N VAL C 119 -23.08 -30.14 6.04
CA VAL C 119 -24.14 -30.77 5.26
C VAL C 119 -25.31 -29.81 4.95
N LEU C 120 -25.47 -29.50 3.68
CA LEU C 120 -26.50 -28.58 3.21
C LEU C 120 -27.46 -29.32 2.26
N PRO C 121 -28.72 -28.88 2.13
CA PRO C 121 -29.61 -29.51 1.14
C PRO C 121 -29.08 -29.41 -0.30
N TYR C 122 -29.51 -30.33 -1.18
CA TYR C 122 -29.05 -30.27 -2.56
C TYR C 122 -29.75 -29.17 -3.34
N MET C 123 -28.99 -28.47 -4.20
CA MET C 123 -29.48 -27.37 -5.02
C MET C 123 -29.17 -27.70 -6.47
N LYS C 124 -30.18 -28.18 -7.20
CA LYS C 124 -30.10 -28.63 -8.59
C LYS C 124 -29.35 -27.72 -9.57
N HIS C 125 -29.68 -26.42 -9.61
CA HIS C 125 -29.13 -25.51 -10.62
C HIS C 125 -27.87 -24.74 -10.22
N GLY C 126 -27.26 -25.09 -9.09
CA GLY C 126 -26.01 -24.47 -8.64
C GLY C 126 -26.06 -23.03 -8.19
N ASP C 127 -24.98 -22.28 -8.45
CA ASP C 127 -24.87 -20.88 -8.05
C ASP C 127 -25.45 -19.89 -9.05
N LEU C 128 -25.86 -18.72 -8.55
CA LEU C 128 -26.45 -17.66 -9.34
C LEU C 128 -25.53 -17.07 -10.40
N ARG C 129 -24.24 -16.96 -10.11
CA ARG C 129 -23.28 -16.41 -11.08
C ARG C 129 -23.19 -17.27 -12.33
N ASN C 130 -22.94 -18.58 -12.17
CA ASN C 130 -22.84 -19.50 -13.31
C ASN C 130 -24.16 -19.68 -14.03
N PHE C 131 -25.29 -19.54 -13.31
CA PHE C 131 -26.63 -19.67 -13.87
C PHE C 131 -26.93 -18.55 -14.87
N ILE C 132 -26.70 -17.31 -14.44
CA ILE C 132 -26.96 -16.16 -15.29
C ILE C 132 -25.86 -15.94 -16.36
N ARG C 133 -24.81 -16.78 -16.39
CA ARG C 133 -23.75 -16.65 -17.36
C ARG C 133 -23.84 -17.62 -18.54
N ASN C 134 -24.42 -18.82 -18.35
CA ASN C 134 -24.48 -19.81 -19.42
C ASN C 134 -25.46 -19.42 -20.53
N GLU C 135 -25.05 -19.61 -21.79
CA GLU C 135 -25.84 -19.28 -22.98
C GLU C 135 -27.11 -20.12 -23.17
N THR C 136 -27.34 -21.14 -22.32
CA THR C 136 -28.54 -21.95 -22.40
C THR C 136 -29.66 -21.28 -21.57
N HIS C 137 -29.31 -20.76 -20.38
CA HIS C 137 -30.26 -20.08 -19.50
C HIS C 137 -30.50 -18.67 -20.01
N ASN C 138 -31.77 -18.31 -20.26
CA ASN C 138 -32.09 -16.97 -20.76
C ASN C 138 -33.07 -16.23 -19.84
N PRO C 139 -32.58 -15.65 -18.71
CA PRO C 139 -33.50 -14.92 -17.83
C PRO C 139 -33.62 -13.45 -18.23
N THR C 140 -34.85 -12.94 -18.27
CA THR C 140 -35.10 -11.54 -18.63
C THR C 140 -34.75 -10.57 -17.49
N VAL C 141 -34.81 -9.26 -17.72
CA VAL C 141 -34.53 -8.25 -16.71
C VAL C 141 -35.38 -8.43 -15.46
N LYS C 142 -36.69 -8.72 -15.62
CA LYS C 142 -37.59 -8.94 -14.49
C LYS C 142 -37.18 -10.17 -13.67
N ASP C 143 -36.66 -11.21 -14.32
CA ASP C 143 -36.20 -12.41 -13.62
C ASP C 143 -34.96 -12.08 -12.77
N LEU C 144 -34.04 -11.30 -13.33
CA LEU C 144 -32.84 -10.87 -12.65
C LEU C 144 -33.18 -9.96 -11.46
N ILE C 145 -34.21 -9.13 -11.59
CA ILE C 145 -34.65 -8.26 -10.50
C ILE C 145 -35.30 -9.09 -9.38
N GLY C 146 -36.05 -10.11 -9.76
CA GLY C 146 -36.73 -11.03 -8.85
C GLY C 146 -35.77 -11.88 -8.06
N PHE C 147 -34.63 -12.26 -8.69
CA PHE C 147 -33.60 -13.01 -7.97
C PHE C 147 -32.96 -12.10 -6.93
N GLY C 148 -32.72 -10.85 -7.28
CA GLY C 148 -32.19 -9.82 -6.38
C GLY C 148 -33.11 -9.51 -5.22
N LEU C 149 -34.42 -9.57 -5.44
CA LEU C 149 -35.43 -9.35 -4.40
C LEU C 149 -35.41 -10.53 -3.42
N GLN C 150 -35.22 -11.76 -3.93
CA GLN C 150 -35.12 -12.98 -3.13
C GLN C 150 -33.83 -12.93 -2.27
N VAL C 151 -32.69 -12.48 -2.86
CA VAL C 151 -31.44 -12.35 -2.10
C VAL C 151 -31.63 -11.30 -1.00
N ALA C 152 -32.38 -10.21 -1.28
CA ALA C 152 -32.69 -9.17 -0.30
C ALA C 152 -33.62 -9.68 0.80
N LYS C 153 -34.53 -10.59 0.46
CA LYS C 153 -35.47 -11.18 1.41
C LYS C 153 -34.74 -12.13 2.36
N GLY C 154 -33.76 -12.88 1.83
CA GLY C 154 -32.95 -13.78 2.63
C GLY C 154 -32.02 -12.99 3.54
N MET C 155 -31.42 -11.93 2.99
CA MET C 155 -30.54 -11.05 3.75
C MET C 155 -31.27 -10.30 4.84
N LYS C 156 -32.55 -9.96 4.60
CA LYS C 156 -33.36 -9.28 5.62
C LYS C 156 -33.53 -10.21 6.84
N TYR C 157 -33.69 -11.53 6.61
CA TYR C 157 -33.81 -12.54 7.66
C TYR C 157 -32.51 -12.69 8.45
N LEU C 158 -31.35 -12.84 7.75
CA LEU C 158 -30.05 -12.97 8.40
C LEU C 158 -29.77 -11.77 9.29
N ALA C 159 -29.89 -10.55 8.75
CA ALA C 159 -29.68 -9.33 9.52
C ALA C 159 -30.65 -9.23 10.72
N SER C 160 -31.90 -9.69 10.56
CA SER C 160 -32.85 -9.67 11.68
C SER C 160 -32.37 -10.52 12.86
N LYS C 161 -31.57 -11.56 12.57
CA LYS C 161 -30.94 -12.43 13.56
C LYS C 161 -29.54 -11.94 14.01
N LYS C 162 -29.11 -10.75 13.53
CA LYS C 162 -27.81 -10.13 13.77
C LYS C 162 -26.69 -11.00 13.19
N PHE C 163 -26.89 -11.51 11.98
CA PHE C 163 -25.92 -12.37 11.31
C PHE C 163 -25.24 -11.64 10.17
N VAL C 164 -23.90 -11.52 10.22
CA VAL C 164 -23.13 -10.86 9.18
C VAL C 164 -22.51 -11.88 8.24
N HIS C 165 -22.96 -11.89 6.99
CA HIS C 165 -22.51 -12.82 5.97
C HIS C 165 -20.99 -12.73 5.65
N ARG C 166 -20.48 -11.51 5.53
CA ARG C 166 -19.08 -11.22 5.25
C ARG C 166 -18.63 -11.59 3.82
N ASP C 167 -19.38 -12.42 3.06
CA ASP C 167 -18.98 -12.77 1.69
C ASP C 167 -20.16 -12.84 0.71
N LEU C 168 -21.04 -11.84 0.74
CA LEU C 168 -22.20 -11.83 -0.16
C LEU C 168 -21.77 -11.52 -1.61
N ALA C 169 -22.09 -12.44 -2.53
CA ALA C 169 -21.79 -12.38 -3.96
C ALA C 169 -22.70 -13.36 -4.72
N ALA C 170 -22.77 -13.28 -6.06
CA ALA C 170 -23.62 -14.17 -6.85
C ALA C 170 -23.17 -15.64 -6.75
N ARG C 171 -21.86 -15.87 -6.57
CA ARG C 171 -21.25 -17.19 -6.46
C ARG C 171 -21.68 -17.94 -5.19
N ASN C 172 -22.14 -17.23 -4.15
CA ASN C 172 -22.57 -17.86 -2.90
C ASN C 172 -24.10 -17.89 -2.75
N CYS C 173 -24.85 -17.87 -3.84
CA CYS C 173 -26.31 -17.96 -3.78
C CYS C 173 -26.72 -19.16 -4.57
N MET C 174 -27.52 -20.05 -3.98
CA MET C 174 -27.90 -21.28 -4.66
C MET C 174 -29.34 -21.31 -5.16
N LEU C 175 -29.53 -21.89 -6.34
CA LEU C 175 -30.82 -21.98 -6.98
C LEU C 175 -31.34 -23.41 -6.88
N ASP C 176 -32.51 -23.62 -6.24
CA ASP C 176 -33.07 -24.97 -6.13
C ASP C 176 -33.73 -25.45 -7.46
N GLU C 177 -34.36 -26.64 -7.46
CA GLU C 177 -35.01 -27.20 -8.66
C GLU C 177 -36.21 -26.35 -9.16
N LYS C 178 -36.82 -25.52 -8.29
CA LYS C 178 -37.93 -24.64 -8.65
C LYS C 178 -37.47 -23.16 -8.87
N PHE C 179 -36.14 -22.95 -9.05
CA PHE C 179 -35.45 -21.67 -9.31
C PHE C 179 -35.58 -20.63 -8.17
N THR C 180 -35.57 -21.10 -6.91
CA THR C 180 -35.63 -20.20 -5.77
C THR C 180 -34.21 -19.90 -5.31
N VAL C 181 -33.92 -18.62 -5.04
CA VAL C 181 -32.59 -18.21 -4.59
C VAL C 181 -32.49 -18.40 -3.08
N LYS C 182 -31.42 -19.05 -2.65
CA LYS C 182 -31.15 -19.31 -1.25
C LYS C 182 -29.76 -18.72 -0.97
N VAL C 183 -29.65 -17.85 0.04
CA VAL C 183 -28.37 -17.27 0.41
C VAL C 183 -27.53 -18.37 1.06
N ALA C 184 -26.34 -18.63 0.53
CA ALA C 184 -25.48 -19.69 1.04
C ALA C 184 -23.99 -19.22 1.11
N ASP C 185 -23.07 -20.06 1.62
CA ASP C 185 -21.67 -19.72 1.72
C ASP C 185 -20.90 -20.88 1.11
N PHE C 186 -20.55 -20.78 -0.18
CA PHE C 186 -19.83 -21.86 -0.85
C PHE C 186 -18.35 -21.59 -1.04
N GLY C 187 -17.70 -21.21 0.06
CA GLY C 187 -16.27 -20.93 0.08
C GLY C 187 -15.85 -20.14 1.31
N LEU C 208 -9.77 -13.28 -0.60
CA LEU C 208 -10.36 -12.00 -0.21
C LEU C 208 -11.31 -11.47 -1.28
N PRO C 209 -12.59 -11.25 -0.93
CA PRO C 209 -13.54 -10.73 -1.92
C PRO C 209 -13.48 -9.21 -2.03
N VAL C 210 -12.33 -8.66 -2.43
CA VAL C 210 -12.11 -7.21 -2.48
C VAL C 210 -13.12 -6.45 -3.37
N LYS C 211 -13.39 -6.89 -4.62
CA LYS C 211 -14.34 -6.18 -5.51
C LYS C 211 -15.81 -6.24 -5.07
N TRP C 212 -16.06 -6.83 -3.88
CA TRP C 212 -17.38 -6.98 -3.23
C TRP C 212 -17.37 -6.35 -1.83
N MET C 213 -16.19 -6.16 -1.23
CA MET C 213 -16.00 -5.60 0.10
C MET C 213 -16.34 -4.11 0.21
N ALA C 214 -16.93 -3.70 1.36
CA ALA C 214 -17.23 -2.28 1.59
C ALA C 214 -15.92 -1.45 1.72
N LEU C 215 -16.01 -0.13 1.55
CA LEU C 215 -14.85 0.74 1.68
C LEU C 215 -14.20 0.62 3.07
N GLU C 216 -15.01 0.61 4.15
CA GLU C 216 -14.48 0.46 5.50
C GLU C 216 -13.90 -0.94 5.72
N SER C 217 -14.51 -1.96 5.10
CA SER C 217 -14.01 -3.32 5.20
C SER C 217 -12.63 -3.42 4.52
N LEU C 218 -12.42 -2.69 3.41
CA LEU C 218 -11.15 -2.73 2.71
C LEU C 218 -10.00 -2.12 3.50
N GLN C 219 -10.32 -1.21 4.44
CA GLN C 219 -9.29 -0.57 5.24
C GLN C 219 -9.14 -1.16 6.65
N THR C 220 -10.21 -1.76 7.20
CA THR C 220 -10.19 -2.26 8.58
C THR C 220 -10.40 -3.75 8.76
N GLN C 221 -10.97 -4.40 7.76
CA GLN C 221 -11.31 -5.82 7.81
C GLN C 221 -12.40 -6.12 8.87
N LYS C 222 -13.26 -5.11 9.16
CA LYS C 222 -14.38 -5.22 10.08
C LYS C 222 -15.67 -5.25 9.25
N PHE C 223 -16.57 -6.20 9.57
CA PHE C 223 -17.80 -6.39 8.81
C PHE C 223 -19.04 -6.20 9.66
N THR C 224 -20.02 -5.48 9.12
CA THR C 224 -21.31 -5.18 9.76
C THR C 224 -22.46 -5.53 8.76
N THR C 225 -23.73 -5.30 9.12
CA THR C 225 -24.84 -5.50 8.20
C THR C 225 -24.73 -4.47 7.05
N LYS C 226 -24.27 -3.24 7.36
CA LYS C 226 -24.06 -2.20 6.36
C LYS C 226 -22.96 -2.55 5.36
N SER C 227 -21.94 -3.32 5.75
CA SER C 227 -20.91 -3.77 4.80
C SER C 227 -21.47 -4.92 3.91
N ASP C 228 -22.48 -5.66 4.40
CA ASP C 228 -23.21 -6.66 3.64
C ASP C 228 -24.05 -5.95 2.56
N VAL C 229 -24.67 -4.80 2.93
CA VAL C 229 -25.47 -3.94 2.05
C VAL C 229 -24.63 -3.50 0.87
N TRP C 230 -23.36 -3.11 1.10
CA TRP C 230 -22.44 -2.75 0.02
C TRP C 230 -22.30 -3.92 -1.00
N SER C 231 -21.94 -5.13 -0.52
CA SER C 231 -21.77 -6.37 -1.28
C SER C 231 -23.07 -6.77 -2.04
N PHE C 232 -24.24 -6.44 -1.47
CA PHE C 232 -25.54 -6.69 -2.10
C PHE C 232 -25.73 -5.81 -3.32
N GLY C 233 -25.23 -4.58 -3.28
CA GLY C 233 -25.30 -3.67 -4.41
C GLY C 233 -24.46 -4.21 -5.55
N VAL C 234 -23.29 -4.76 -5.23
CA VAL C 234 -22.40 -5.40 -6.20
C VAL C 234 -23.07 -6.62 -6.81
N LEU C 235 -23.76 -7.41 -5.98
CA LEU C 235 -24.50 -8.59 -6.39
C LEU C 235 -25.60 -8.18 -7.40
N LEU C 236 -26.26 -7.01 -7.17
CA LEU C 236 -27.30 -6.47 -8.05
C LEU C 236 -26.72 -6.09 -9.40
N TRP C 237 -25.52 -5.49 -9.39
CA TRP C 237 -24.80 -5.13 -10.61
C TRP C 237 -24.44 -6.42 -11.35
N GLU C 238 -23.96 -7.45 -10.62
CA GLU C 238 -23.63 -8.79 -11.16
C GLU C 238 -24.85 -9.36 -11.90
N LEU C 239 -26.03 -9.28 -11.27
CA LEU C 239 -27.29 -9.73 -11.82
C LEU C 239 -27.62 -8.99 -13.13
N MET C 240 -27.63 -7.64 -13.11
CA MET C 240 -27.94 -6.86 -14.31
C MET C 240 -26.89 -7.01 -15.44
N THR C 241 -25.65 -7.37 -15.14
CA THR C 241 -24.64 -7.61 -16.18
C THR C 241 -24.58 -9.11 -16.62
N ARG C 242 -25.42 -9.97 -16.02
CA ARG C 242 -25.51 -11.40 -16.28
C ARG C 242 -24.19 -12.09 -15.98
N GLY C 243 -23.61 -11.78 -14.82
CA GLY C 243 -22.43 -12.42 -14.28
C GLY C 243 -21.08 -11.88 -14.72
N ALA C 244 -21.04 -10.64 -15.22
CA ALA C 244 -19.77 -10.04 -15.62
C ALA C 244 -18.92 -9.74 -14.38
N PRO C 245 -17.58 -9.76 -14.50
CA PRO C 245 -16.74 -9.43 -13.34
C PRO C 245 -16.74 -7.92 -13.04
N PRO C 246 -16.90 -7.53 -11.75
CA PRO C 246 -16.90 -6.10 -11.44
C PRO C 246 -15.53 -5.46 -11.63
N TYR C 247 -15.52 -4.14 -11.80
CA TYR C 247 -14.33 -3.32 -11.98
C TYR C 247 -13.34 -3.93 -12.97
N PRO C 248 -13.78 -4.19 -14.21
CA PRO C 248 -12.87 -4.84 -15.18
C PRO C 248 -11.60 -4.07 -15.44
N ASP C 249 -11.68 -2.74 -15.46
CA ASP C 249 -10.55 -1.86 -15.73
C ASP C 249 -9.73 -1.46 -14.49
N VAL C 250 -10.02 -2.02 -13.33
CA VAL C 250 -9.34 -1.63 -12.10
C VAL C 250 -8.67 -2.85 -11.51
N ASN C 251 -7.36 -2.78 -11.21
CA ASN C 251 -6.62 -3.86 -10.56
C ASN C 251 -7.11 -3.96 -9.11
N THR C 252 -7.09 -5.17 -8.55
CA THR C 252 -7.48 -5.46 -7.17
C THR C 252 -6.77 -4.51 -6.16
N PHE C 253 -5.47 -4.26 -6.37
CA PHE C 253 -4.65 -3.41 -5.50
C PHE C 253 -5.00 -1.92 -5.59
N ASP C 254 -5.85 -1.54 -6.56
CA ASP C 254 -6.28 -0.16 -6.74
C ASP C 254 -7.74 0.09 -6.38
N ILE C 255 -8.47 -0.94 -5.92
CA ILE C 255 -9.89 -0.87 -5.57
C ILE C 255 -10.13 0.10 -4.43
N THR C 256 -9.25 0.11 -3.42
CA THR C 256 -9.42 1.03 -2.29
C THR C 256 -9.30 2.46 -2.77
N VAL C 257 -8.20 2.81 -3.46
CA VAL C 257 -8.00 4.16 -3.98
C VAL C 257 -9.13 4.58 -4.91
N TYR C 258 -9.56 3.67 -5.81
CA TYR C 258 -10.69 3.89 -6.73
C TYR C 258 -11.96 4.26 -5.93
N LEU C 259 -12.29 3.48 -4.87
CA LEU C 259 -13.47 3.71 -4.05
C LEU C 259 -13.35 4.95 -3.20
N LEU C 260 -12.14 5.22 -2.64
CA LEU C 260 -11.83 6.42 -1.85
C LEU C 260 -11.97 7.68 -2.74
N GLN C 261 -11.65 7.58 -4.03
CA GLN C 261 -11.85 8.69 -4.96
C GLN C 261 -13.38 8.92 -5.27
N GLY C 262 -14.27 8.17 -4.64
CA GLY C 262 -15.71 8.28 -4.82
C GLY C 262 -16.23 7.59 -6.06
N ARG C 263 -15.38 6.84 -6.77
CA ARG C 263 -15.74 6.16 -7.99
C ARG C 263 -16.50 4.89 -7.67
N ARG C 264 -17.62 4.66 -8.37
CA ARG C 264 -18.46 3.47 -8.22
C ARG C 264 -18.58 2.72 -9.56
N LEU C 265 -19.23 1.54 -9.56
CA LEU C 265 -19.44 0.74 -10.76
C LEU C 265 -20.33 1.49 -11.77
N LEU C 266 -20.17 1.18 -13.07
CA LEU C 266 -20.98 1.81 -14.12
C LEU C 266 -22.37 1.22 -14.18
N GLN C 267 -23.35 1.98 -14.64
CA GLN C 267 -24.71 1.46 -14.80
C GLN C 267 -24.72 0.51 -15.98
N PRO C 268 -25.08 -0.76 -15.73
CA PRO C 268 -25.12 -1.74 -16.83
C PRO C 268 -26.14 -1.37 -17.91
N GLU C 269 -25.85 -1.77 -19.16
CA GLU C 269 -26.70 -1.50 -20.33
C GLU C 269 -28.19 -1.74 -20.10
N TYR C 270 -28.55 -2.88 -19.50
CA TYR C 270 -29.97 -3.21 -19.31
C TYR C 270 -30.50 -2.99 -17.89
N CYS C 271 -29.86 -2.16 -17.10
CA CYS C 271 -30.33 -1.89 -15.74
C CYS C 271 -31.29 -0.70 -15.66
N PRO C 272 -32.47 -0.89 -15.07
CA PRO C 272 -33.40 0.24 -14.88
C PRO C 272 -32.80 1.32 -13.97
N ASP C 273 -33.00 2.61 -14.32
CA ASP C 273 -32.51 3.74 -13.54
C ASP C 273 -32.95 3.69 -12.06
N PRO C 274 -34.21 3.32 -11.71
CA PRO C 274 -34.55 3.23 -10.28
C PRO C 274 -33.73 2.19 -9.52
N LEU C 275 -33.32 1.09 -10.20
CA LEU C 275 -32.52 0.04 -9.61
C LEU C 275 -31.06 0.46 -9.50
N TYR C 276 -30.55 1.26 -10.47
CA TYR C 276 -29.17 1.76 -10.38
C TYR C 276 -29.05 2.79 -9.25
N GLU C 277 -30.13 3.51 -8.91
CA GLU C 277 -30.20 4.45 -7.80
C GLU C 277 -30.10 3.68 -6.46
N VAL C 278 -30.65 2.44 -6.41
CA VAL C 278 -30.62 1.55 -5.25
C VAL C 278 -29.17 1.18 -5.02
N MET C 279 -28.45 0.78 -6.08
CA MET C 279 -27.05 0.38 -6.04
C MET C 279 -26.19 1.47 -5.47
N LEU C 280 -26.46 2.72 -5.85
CA LEU C 280 -25.66 3.84 -5.38
C LEU C 280 -25.86 4.14 -3.90
N LYS C 281 -27.06 3.86 -3.38
CA LYS C 281 -27.32 4.03 -1.96
C LYS C 281 -26.57 2.96 -1.17
N CYS C 282 -26.48 1.74 -1.73
CA CYS C 282 -25.75 0.63 -1.12
C CYS C 282 -24.23 0.89 -1.07
N TRP C 283 -23.69 1.73 -1.94
CA TRP C 283 -22.26 2.02 -1.94
C TRP C 283 -21.94 3.39 -1.34
N HIS C 284 -22.77 3.87 -0.39
CA HIS C 284 -22.52 5.15 0.26
C HIS C 284 -21.22 5.09 1.08
N PRO C 285 -20.34 6.12 1.02
CA PRO C 285 -19.10 6.06 1.81
C PRO C 285 -19.31 5.97 3.33
N LYS C 286 -20.48 6.42 3.83
CA LYS C 286 -20.88 6.35 5.25
C LYS C 286 -21.80 5.14 5.41
N ALA C 287 -21.41 4.16 6.23
CA ALA C 287 -22.20 2.95 6.45
C ALA C 287 -23.57 3.24 7.04
N GLU C 288 -23.63 4.19 7.98
CA GLU C 288 -24.87 4.58 8.64
C GLU C 288 -25.89 5.15 7.66
N MET C 289 -25.43 5.80 6.56
CA MET C 289 -26.30 6.37 5.54
C MET C 289 -26.79 5.35 4.48
N ARG C 290 -26.33 4.09 4.56
CA ARG C 290 -26.78 3.08 3.62
C ARG C 290 -28.16 2.57 4.01
N PRO C 291 -28.98 2.10 3.05
CA PRO C 291 -30.30 1.56 3.42
C PRO C 291 -30.19 0.22 4.15
N SER C 292 -31.19 -0.09 4.97
CA SER C 292 -31.28 -1.39 5.60
C SER C 292 -31.80 -2.43 4.57
N PHE C 293 -31.70 -3.73 4.87
CA PHE C 293 -32.23 -4.78 3.99
C PHE C 293 -33.77 -4.75 3.92
N SER C 294 -34.43 -4.19 4.96
CA SER C 294 -35.86 -4.01 4.98
C SER C 294 -36.22 -2.96 3.90
N GLU C 295 -35.57 -1.77 3.89
CA GLU C 295 -35.81 -0.74 2.87
C GLU C 295 -35.54 -1.28 1.48
N LEU C 296 -34.45 -2.05 1.35
CA LEU C 296 -34.07 -2.68 0.09
C LEU C 296 -35.16 -3.62 -0.42
N VAL C 297 -35.89 -4.30 0.49
CA VAL C 297 -36.98 -5.19 0.12
C VAL C 297 -38.16 -4.35 -0.39
N SER C 298 -38.49 -3.24 0.29
CA SER C 298 -39.58 -2.33 -0.10
C SER C 298 -39.31 -1.74 -1.50
N ARG C 299 -38.12 -1.14 -1.70
CA ARG C 299 -37.75 -0.54 -2.97
C ARG C 299 -37.67 -1.54 -4.12
N ILE C 300 -37.05 -2.71 -3.91
CA ILE C 300 -36.94 -3.71 -4.98
C ILE C 300 -38.30 -4.35 -5.27
N SER C 301 -39.21 -4.41 -4.27
CA SER C 301 -40.53 -4.97 -4.48
C SER C 301 -41.40 -4.02 -5.33
N ALA C 302 -41.22 -2.69 -5.16
CA ALA C 302 -41.95 -1.68 -5.93
C ALA C 302 -41.46 -1.64 -7.37
N ILE C 303 -40.13 -1.74 -7.56
CA ILE C 303 -39.50 -1.78 -8.88
C ILE C 303 -39.88 -3.07 -9.61
N PHE C 304 -39.96 -4.19 -8.89
CA PHE C 304 -40.29 -5.47 -9.50
C PHE C 304 -41.67 -5.45 -10.16
N SER C 305 -42.70 -5.06 -9.39
CA SER C 305 -44.08 -4.97 -9.87
C SER C 305 -44.22 -4.09 -11.14
N THR C 306 -43.33 -3.10 -11.30
CA THR C 306 -43.31 -2.20 -12.46
C THR C 306 -42.25 -2.60 -13.48
C1 W40 D . 19.89 25.12 -13.32
C2 W40 D . 20.02 23.89 -14.19
C3 W40 D . 19.65 22.63 -13.74
C7 W40 D . 20.51 24.00 -15.49
C8 W40 D . 20.15 24.46 -10.94
C9 W40 D . 19.70 24.11 -9.71
C10 W40 D . 18.26 24.05 -9.49
C11 W40 D . 17.95 24.72 -11.86
C12 W40 D . 20.65 23.81 -8.62
C13 W40 D . 20.48 22.69 -7.81
C14 W40 D . 21.40 22.45 -6.81
C15 W40 D . 22.49 23.25 -6.57
C16 W40 D . 22.62 24.33 -7.40
N W40 D . 19.32 24.76 -11.99
C W40 D . 21.22 25.86 -13.17
O W40 D . 17.70 23.75 -8.44
N1 W40 D . 17.50 24.36 -10.61
O1 W40 D . 17.19 24.98 -12.79
C4 W40 D . 19.77 21.52 -14.55
C5 W40 D . 20.27 21.65 -15.83
C6 W40 D . 20.64 22.89 -16.30
C17 W40 D . 21.75 24.64 -8.41
F W40 D . 23.68 25.17 -7.21
F1 W40 D . 21.22 21.36 -6.03
C1 W40 E . 12.21 -10.51 26.01
C2 W40 E . 12.65 -9.76 24.76
C3 W40 E . 12.94 -8.41 24.82
C7 W40 E . 12.77 -10.40 23.53
C8 W40 E . 12.54 -12.93 25.66
C9 W40 E . 12.17 -14.19 25.35
C10 W40 E . 10.76 -14.42 25.01
C11 W40 E . 10.36 -12.00 25.35
C12 W40 E . 13.15 -15.30 25.37
C13 W40 E . 14.02 -15.43 26.45
C14 W40 E . 14.92 -16.45 26.45
C15 W40 E . 15.03 -17.37 25.42
C16 W40 E . 14.16 -17.20 24.38
N W40 E . 11.70 -11.86 25.67
C W40 E . 13.26 -10.58 27.10
O W40 E . 10.26 -15.50 24.71
N1 W40 E . 9.97 -13.28 25.04
O1 W40 E . 9.58 -11.07 25.35
C4 W40 E . 13.35 -7.72 23.69
C5 W40 E . 13.46 -8.37 22.48
C6 W40 E . 13.17 -9.71 22.40
C17 W40 E . 13.23 -16.20 24.31
F W40 E . 14.23 -18.08 23.35
F1 W40 E . 15.77 -16.59 27.51
C1 W40 F . -25.28 -22.07 5.32
C2 W40 F . -25.39 -20.56 5.25
C3 W40 F . -24.26 -19.74 5.29
C7 W40 F . -26.63 -19.95 5.15
C8 W40 F . -23.16 -22.77 6.41
C9 W40 F . -21.87 -23.17 6.43
C10 W40 F . -21.19 -23.34 5.15
C11 W40 F . -23.28 -22.66 4.02
C12 W40 F . -21.17 -23.42 7.71
C13 W40 F . -19.89 -22.93 7.93
C14 W40 F . -19.30 -23.18 9.14
C15 W40 F . -19.89 -23.91 10.15
C16 W40 F . -21.15 -24.38 9.89
N W40 F . -23.86 -22.52 5.27
C W40 F . -26.01 -22.68 6.51
O W40 F . -20.02 -23.70 5.01
N1 W40 F . -21.97 -23.06 4.04
O1 W40 F . -23.88 -22.44 2.97
C4 W40 F . -24.37 -18.38 5.23
C5 W40 F . -25.61 -17.79 5.13
C6 W40 F . -26.74 -18.57 5.08
C17 W40 F . -21.81 -24.16 8.71
F W40 F . -21.78 -25.09 10.86
F1 W40 F . -18.04 -22.70 9.35
#